data_1DV2
#
_entry.id   1DV2
#
_cell.length_a   81.300
_cell.length_b   115.500
_cell.length_c   122.400
_cell.angle_alpha   90.00
_cell.angle_beta   90.00
_cell.angle_gamma   90.00
#
_symmetry.space_group_name_H-M   'P 21 21 21'
#
loop_
_entity.id
_entity.type
_entity.pdbx_description
1 polymer 'BIOTIN CARBOXYLASE'
2 non-polymer "ADENOSINE-5'-TRIPHOSPHATE"
3 water water
#
_entity_poly.entity_id   1
_entity_poly.type   'polypeptide(L)'
_entity_poly.pdbx_seq_one_letter_code
;GSHMLDKIVIANRGEIALRILRACKELGIKTVAVHSSADRDLKHVLLADETVCIGPAPSVKSYLNIPAIISAAEITGAVA
IHPGYGFLSENANFAEQVERSGFIFIGPKAETIRLMGDKVSAIAAMKKAGVPCVPGSDGPLGDDMDKNRAIAKRIGYPVI
IKASGGGGGRGMRVVRGDAELAQSISMTRAEAKAAFSNDMVYMEKYLENPRHVEIQVLADGQGNAIYLAERDCSMQRRHQ
KVVEEAPAPGITPELRRYIGERCAKACVDIGYRGAGTFEFLFENGEFYFIKMNTRIQVEHPVTEMITGVDLIKEQLRIAA
GQPLSIKQEEVHVRGHAVECRINAEDPNTFLPSPGKITRFHAPGGFGVRWESHIYAGYTVPPYYDSMIGKLICYGENRDV
AIARMKNALQELIIDGIKTNVDLQIRIMNDENFQHGGTNIHYLEKKLGLQEK
;
_entity_poly.pdbx_strand_id   A,B
#
# COMPACT_ATOMS: atom_id res chain seq x y z
N GLY A 1 5.33 19.59 -16.61
CA GLY A 1 6.57 18.91 -16.97
C GLY A 1 7.55 18.92 -15.81
N SER A 2 8.64 19.68 -16.00
CA SER A 2 9.65 19.85 -14.97
C SER A 2 9.99 21.31 -14.65
N HIS A 3 9.00 22.01 -14.07
CA HIS A 3 9.06 23.40 -13.61
C HIS A 3 8.79 23.36 -12.10
N MET A 4 9.54 22.40 -11.59
CA MET A 4 9.65 21.88 -10.25
C MET A 4 10.73 22.58 -9.44
N LEU A 5 10.46 22.68 -8.09
CA LEU A 5 11.32 23.26 -7.02
C LEU A 5 12.71 22.59 -6.91
N ASP A 6 13.73 23.40 -6.88
CA ASP A 6 15.05 22.87 -6.89
C ASP A 6 15.39 22.15 -5.63
N LYS A 7 15.06 22.77 -4.52
CA LYS A 7 15.42 22.22 -3.27
C LYS A 7 14.67 22.95 -2.22
N ILE A 8 13.96 22.20 -1.38
CA ILE A 8 13.18 22.82 -0.34
C ILE A 8 13.62 22.44 1.06
N VAL A 9 13.24 23.27 2.06
CA VAL A 9 13.55 22.99 3.44
C VAL A 9 12.39 22.23 4.04
N ILE A 10 12.72 21.20 4.83
CA ILE A 10 11.71 20.42 5.50
C ILE A 10 11.73 20.91 6.94
N ALA A 11 11.00 22.01 7.16
CA ALA A 11 10.87 22.65 8.47
C ALA A 11 10.08 21.88 9.52
N ASN A 12 10.39 20.61 9.61
CA ASN A 12 9.69 19.80 10.56
C ASN A 12 10.49 18.58 11.05
N ARG A 13 9.83 17.55 11.53
CA ARG A 13 10.53 16.41 12.07
C ARG A 13 9.57 15.25 12.20
N GLY A 14 10.08 14.07 12.54
CA GLY A 14 9.21 12.93 12.69
C GLY A 14 8.68 12.28 11.41
N GLU A 15 7.55 11.58 11.56
CA GLU A 15 6.90 10.90 10.49
C GLU A 15 6.60 11.87 9.38
N ILE A 16 6.02 13.03 9.74
CA ILE A 16 5.72 14.02 8.73
C ILE A 16 6.89 14.37 7.84
N ALA A 17 8.06 14.55 8.43
CA ALA A 17 9.26 14.92 7.70
C ALA A 17 9.66 13.87 6.69
N LEU A 18 9.52 12.64 7.16
CA LEU A 18 9.85 11.50 6.31
C LEU A 18 8.92 11.42 5.11
N ARG A 19 7.66 11.58 5.42
CA ARG A 19 6.67 11.55 4.38
C ARG A 19 6.97 12.56 3.28
N ILE A 20 7.25 13.80 3.71
CA ILE A 20 7.60 14.92 2.83
C ILE A 20 8.91 14.67 2.12
N LEU A 21 9.81 14.04 2.83
CA LEU A 21 11.05 13.74 2.17
C LEU A 21 10.72 12.80 1.01
N ARG A 22 9.92 11.78 1.31
CA ARG A 22 9.51 10.83 0.30
C ARG A 22 8.97 11.45 -0.97
N ALA A 23 7.90 12.23 -0.88
CA ALA A 23 7.38 12.93 -2.05
C ALA A 23 8.48 13.77 -2.75
N CYS A 24 9.44 14.38 -2.01
CA CYS A 24 10.53 15.16 -2.62
C CYS A 24 11.35 14.29 -3.54
N LYS A 25 11.77 13.17 -3.00
CA LYS A 25 12.53 12.22 -3.79
C LYS A 25 11.78 11.82 -5.07
N GLU A 26 10.47 11.69 -5.02
CA GLU A 26 9.79 11.30 -6.24
C GLU A 26 9.75 12.39 -7.28
N LEU A 27 9.77 13.63 -6.83
CA LEU A 27 9.67 14.74 -7.76
C LEU A 27 11.01 15.25 -8.17
N GLY A 28 11.99 14.65 -7.50
CA GLY A 28 13.38 14.94 -7.70
C GLY A 28 13.82 16.21 -6.99
N ILE A 29 13.06 16.64 -6.00
CA ILE A 29 13.37 17.86 -5.26
C ILE A 29 14.53 17.67 -4.26
N LYS A 30 15.57 18.52 -4.22
CA LYS A 30 16.63 18.29 -3.25
C LYS A 30 16.07 18.57 -1.84
N THR A 31 16.62 17.93 -0.82
CA THR A 31 16.07 18.15 0.50
C THR A 31 17.12 18.56 1.51
N VAL A 32 16.69 19.46 2.37
CA VAL A 32 17.45 20.01 3.48
C VAL A 32 16.64 19.73 4.74
N ALA A 33 17.22 18.89 5.57
CA ALA A 33 16.58 18.52 6.79
C ALA A 33 17.20 19.31 7.92
N VAL A 34 16.40 20.19 8.48
CA VAL A 34 16.85 20.99 9.58
C VAL A 34 16.40 20.27 10.80
N HIS A 35 17.27 20.19 11.79
CA HIS A 35 16.90 19.48 12.98
C HIS A 35 17.57 20.05 14.20
N SER A 36 17.05 19.54 15.32
CA SER A 36 17.48 19.83 16.68
C SER A 36 18.54 18.81 17.10
N SER A 37 19.45 19.28 17.92
CA SER A 37 20.52 18.47 18.45
C SER A 37 20.03 17.11 18.98
N ALA A 38 18.74 16.99 19.26
CA ALA A 38 18.32 15.73 19.83
C ALA A 38 17.73 14.82 18.79
N ASP A 39 17.40 15.39 17.64
CA ASP A 39 16.82 14.62 16.58
C ASP A 39 17.90 14.36 15.56
N ARG A 40 19.14 14.22 16.01
CA ARG A 40 20.21 14.00 15.06
C ARG A 40 20.12 12.61 14.41
N ASP A 41 19.36 11.74 15.07
CA ASP A 41 19.16 10.37 14.65
C ASP A 41 17.88 10.13 13.89
N LEU A 42 17.19 11.17 13.49
CA LEU A 42 15.98 10.92 12.77
C LEU A 42 16.25 10.31 11.42
N LYS A 43 15.39 9.34 11.15
CA LYS A 43 15.36 8.59 9.93
C LYS A 43 15.46 9.60 8.83
N HIS A 44 14.48 10.50 8.76
CA HIS A 44 14.52 11.47 7.71
C HIS A 44 15.76 12.27 7.69
N VAL A 45 16.32 12.44 8.87
CA VAL A 45 17.53 13.19 8.89
C VAL A 45 18.64 12.51 8.11
N LEU A 46 18.71 11.20 8.29
CA LEU A 46 19.70 10.37 7.64
C LEU A 46 19.58 10.23 6.11
N LEU A 47 18.36 10.42 5.61
CA LEU A 47 18.09 10.32 4.19
C LEU A 47 18.18 11.63 3.39
N ALA A 48 18.12 12.78 4.10
CA ALA A 48 18.16 14.07 3.44
C ALA A 48 19.42 14.21 2.63
N ASP A 49 19.38 15.15 1.69
CA ASP A 49 20.53 15.41 0.85
C ASP A 49 21.52 16.31 1.60
N GLU A 50 20.91 17.18 2.37
CA GLU A 50 21.64 18.13 3.15
C GLU A 50 21.00 18.20 4.49
N THR A 51 21.83 18.42 5.51
CA THR A 51 21.33 18.49 6.85
C THR A 51 21.80 19.74 7.59
N VAL A 52 21.06 20.17 8.60
CA VAL A 52 21.46 21.36 9.33
C VAL A 52 20.91 21.38 10.73
N CYS A 53 21.79 21.56 11.70
CA CYS A 53 21.40 21.61 13.10
C CYS A 53 21.08 23.05 13.45
N ILE A 54 19.78 23.26 13.66
CA ILE A 54 19.25 24.56 13.95
C ILE A 54 19.23 24.92 15.42
N GLY A 55 19.32 23.90 16.26
CA GLY A 55 19.33 24.19 17.68
C GLY A 55 19.25 23.00 18.60
N PRO A 56 19.01 23.37 19.84
CA PRO A 56 18.85 22.45 20.94
C PRO A 56 17.44 21.89 20.99
N ALA A 57 17.35 20.76 21.68
CA ALA A 57 16.18 20.00 21.91
C ALA A 57 14.90 20.81 21.95
N PRO A 58 14.80 21.69 22.92
CA PRO A 58 13.60 22.49 23.11
C PRO A 58 13.23 23.24 21.87
N SER A 59 11.94 23.06 21.51
CA SER A 59 11.29 23.58 20.34
C SER A 59 11.45 25.07 20.12
N VAL A 60 11.30 25.81 21.18
CA VAL A 60 11.42 27.24 21.06
C VAL A 60 12.78 27.67 20.50
N LYS A 61 13.73 26.75 20.54
CA LYS A 61 15.07 27.07 20.07
C LYS A 61 15.47 26.36 18.84
N SER A 62 14.69 25.35 18.55
CA SER A 62 14.92 24.60 17.33
C SER A 62 13.75 24.83 16.40
N TYR A 63 12.85 23.85 16.39
CA TYR A 63 11.66 23.84 15.57
C TYR A 63 10.80 25.07 15.56
N LEU A 64 10.90 25.93 16.55
CA LEU A 64 10.10 27.15 16.53
C LEU A 64 11.00 28.36 16.38
N ASN A 65 12.29 28.09 16.14
CA ASN A 65 13.28 29.13 15.96
C ASN A 65 13.18 29.61 14.54
N ILE A 66 12.30 30.54 14.33
CA ILE A 66 12.07 31.08 13.01
C ILE A 66 13.27 31.52 12.20
N PRO A 67 14.25 32.16 12.85
CA PRO A 67 15.42 32.69 12.17
C PRO A 67 16.38 31.64 11.76
N ALA A 68 16.52 30.76 12.71
CA ALA A 68 17.37 29.64 12.56
C ALA A 68 17.00 28.89 11.29
N ILE A 69 15.70 28.69 11.12
CA ILE A 69 15.09 27.94 10.03
C ILE A 69 15.19 28.72 8.75
N ILE A 70 14.91 29.98 8.89
CA ILE A 70 14.99 30.81 7.75
C ILE A 70 16.41 30.96 7.25
N SER A 71 17.35 31.05 8.17
CA SER A 71 18.75 31.16 7.80
C SER A 71 19.30 29.86 7.20
N ALA A 72 18.75 28.75 7.67
CA ALA A 72 19.08 27.43 7.21
C ALA A 72 18.82 27.30 5.71
N ALA A 73 17.81 28.03 5.25
CA ALA A 73 17.49 28.03 3.83
C ALA A 73 18.49 28.87 3.09
N GLU A 74 18.81 30.00 3.71
CA GLU A 74 19.73 30.95 3.11
C GLU A 74 21.01 30.24 2.77
N ILE A 75 21.58 29.65 3.80
CA ILE A 75 22.84 29.00 3.61
C ILE A 75 22.88 27.85 2.63
N THR A 76 21.71 27.19 2.51
CA THR A 76 21.54 26.01 1.67
C THR A 76 21.13 26.29 0.25
N GLY A 77 20.48 27.43 0.06
CA GLY A 77 20.07 27.79 -1.27
C GLY A 77 18.81 27.12 -1.69
N ALA A 78 18.01 26.80 -0.71
CA ALA A 78 16.75 26.22 -1.06
C ALA A 78 15.89 27.35 -1.58
N VAL A 79 14.79 26.98 -2.24
CA VAL A 79 13.86 27.96 -2.78
C VAL A 79 12.57 27.98 -2.01
N ALA A 80 12.28 26.91 -1.25
CA ALA A 80 11.05 26.87 -0.48
C ALA A 80 11.17 26.19 0.85
N ILE A 81 10.12 26.31 1.64
CA ILE A 81 10.05 25.75 2.97
C ILE A 81 8.74 25.09 3.26
N HIS A 82 8.83 23.87 3.71
CA HIS A 82 7.62 23.16 3.97
C HIS A 82 7.49 22.98 5.45
N PRO A 83 6.46 23.55 6.05
CA PRO A 83 6.20 23.47 7.49
C PRO A 83 5.54 22.18 8.00
N GLY A 84 5.06 21.36 7.10
CA GLY A 84 4.40 20.17 7.55
C GLY A 84 3.16 20.54 8.35
N TYR A 85 3.15 20.09 9.59
CA TYR A 85 2.04 20.42 10.43
C TYR A 85 2.57 20.57 11.82
N GLY A 86 1.85 21.38 12.56
CA GLY A 86 2.03 21.58 13.97
C GLY A 86 3.10 22.46 14.57
N PHE A 87 3.85 23.12 13.78
CA PHE A 87 4.79 23.93 14.57
C PHE A 87 4.43 25.35 14.28
N LEU A 88 4.85 25.76 13.10
CA LEU A 88 4.61 27.04 12.55
C LEU A 88 3.73 26.90 11.34
N SER A 89 3.19 25.71 11.12
CA SER A 89 2.37 25.51 9.95
C SER A 89 1.25 26.54 9.91
N GLU A 90 0.79 26.96 11.08
CA GLU A 90 -0.28 27.94 11.14
C GLU A 90 0.10 29.27 11.69
N ASN A 91 1.40 29.50 11.69
CA ASN A 91 1.93 30.75 12.15
C ASN A 91 2.12 31.73 11.00
N ALA A 92 1.30 32.76 10.98
CA ALA A 92 1.36 33.76 9.94
C ALA A 92 2.59 34.67 9.90
N ASN A 93 3.23 34.93 11.04
CA ASN A 93 4.44 35.77 11.04
C ASN A 93 5.62 35.04 10.40
N PHE A 94 5.62 33.74 10.52
CA PHE A 94 6.63 32.89 9.95
C PHE A 94 6.38 32.80 8.45
N ALA A 95 5.12 32.68 8.09
CA ALA A 95 4.84 32.64 6.68
C ALA A 95 5.24 33.97 6.10
N GLU A 96 4.81 35.02 6.81
CA GLU A 96 5.08 36.38 6.42
C GLU A 96 6.55 36.54 6.12
N GLN A 97 7.32 36.17 7.12
CA GLN A 97 8.75 36.28 7.00
C GLN A 97 9.39 35.43 5.93
N VAL A 98 8.82 34.26 5.72
CA VAL A 98 9.42 33.42 4.73
C VAL A 98 9.26 34.12 3.46
N GLU A 99 8.13 34.77 3.34
CA GLU A 99 7.90 35.45 2.08
C GLU A 99 8.79 36.62 1.92
N ARG A 100 8.96 37.31 3.03
CA ARG A 100 9.75 38.52 3.14
C ARG A 100 11.24 38.29 2.96
N SER A 101 11.67 37.07 3.22
CA SER A 101 13.06 36.74 3.07
C SER A 101 13.28 36.26 1.65
N GLY A 102 12.17 36.08 0.95
CA GLY A 102 12.30 35.70 -0.43
C GLY A 102 12.35 34.24 -0.63
N PHE A 103 11.57 33.52 0.16
CA PHE A 103 11.40 32.08 0.01
C PHE A 103 9.94 31.80 -0.25
N ILE A 104 9.71 30.62 -0.78
CA ILE A 104 8.38 30.19 -1.04
C ILE A 104 7.86 29.53 0.22
N PHE A 105 6.60 29.72 0.50
CA PHE A 105 6.05 29.13 1.69
C PHE A 105 5.05 28.10 1.28
N ILE A 106 5.37 26.81 1.51
CA ILE A 106 4.45 25.76 1.15
C ILE A 106 3.20 25.73 2.01
N GLY A 107 2.30 26.66 1.64
CA GLY A 107 1.03 26.90 2.28
C GLY A 107 0.40 28.12 1.66
N PRO A 108 -0.75 28.51 2.15
CA PRO A 108 -1.44 29.68 1.64
C PRO A 108 -0.69 30.93 2.07
N LYS A 109 -1.24 32.08 1.74
CA LYS A 109 -0.56 33.30 2.16
C LYS A 109 -0.86 33.64 3.61
N ALA A 110 0.05 34.37 4.23
CA ALA A 110 -0.08 34.78 5.61
C ALA A 110 -1.43 35.43 5.90
N GLU A 111 -1.90 36.27 5.00
CA GLU A 111 -3.18 36.95 5.17
C GLU A 111 -4.30 35.99 5.42
N THR A 112 -4.22 34.88 4.65
CA THR A 112 -5.20 33.80 4.67
C THR A 112 -5.14 33.03 5.95
N ILE A 113 -3.93 32.99 6.47
CA ILE A 113 -3.72 32.28 7.67
C ILE A 113 -4.35 33.02 8.82
N ARG A 114 -4.06 34.31 8.89
CA ARG A 114 -4.58 35.07 9.99
C ARG A 114 -6.07 35.11 9.90
N LEU A 115 -6.50 35.10 8.68
CA LEU A 115 -7.92 35.16 8.49
C LEU A 115 -8.69 33.96 9.04
N MET A 116 -8.11 32.81 8.79
CA MET A 116 -8.70 31.57 9.23
C MET A 116 -8.24 31.34 10.62
N GLY A 117 -7.26 32.13 10.96
CA GLY A 117 -6.79 31.95 12.30
C GLY A 117 -7.73 32.52 13.35
N ASP A 118 -8.54 33.47 12.93
CA ASP A 118 -9.42 34.10 13.87
C ASP A 118 -10.78 33.53 13.62
N LYS A 119 -11.23 32.73 14.57
CA LYS A 119 -12.51 32.08 14.43
C LYS A 119 -13.62 32.98 13.91
N VAL A 120 -13.77 34.09 14.60
CA VAL A 120 -14.81 35.04 14.29
C VAL A 120 -14.87 35.42 12.84
N SER A 121 -13.67 35.79 12.36
CA SER A 121 -13.47 36.21 10.98
C SER A 121 -13.75 35.08 10.03
N ALA A 122 -13.11 33.96 10.36
CA ALA A 122 -13.23 32.71 9.64
C ALA A 122 -14.66 32.47 9.28
N ILE A 123 -15.45 32.46 10.36
CA ILE A 123 -16.88 32.24 10.32
C ILE A 123 -17.64 33.19 9.40
N ALA A 124 -17.36 34.46 9.60
CA ALA A 124 -17.97 35.45 8.75
C ALA A 124 -17.64 35.17 7.27
N ALA A 125 -16.42 34.81 6.97
CA ALA A 125 -16.03 34.57 5.61
C ALA A 125 -16.76 33.45 4.95
N MET A 126 -16.93 32.43 5.74
CA MET A 126 -17.59 31.29 5.20
C MET A 126 -19.08 31.49 5.18
N LYS A 127 -19.58 32.30 6.11
CA LYS A 127 -21.01 32.49 6.11
C LYS A 127 -21.45 33.00 4.76
N LYS A 128 -20.57 33.90 4.31
CA LYS A 128 -20.55 34.65 3.09
C LYS A 128 -20.39 33.74 1.89
N ALA A 129 -19.59 32.70 2.11
CA ALA A 129 -19.26 31.75 1.06
C ALA A 129 -20.34 30.70 0.76
N GLY A 130 -21.32 30.66 1.66
CA GLY A 130 -22.41 29.71 1.51
C GLY A 130 -22.17 28.47 2.36
N VAL A 131 -21.02 28.43 3.00
CA VAL A 131 -20.64 27.35 3.87
C VAL A 131 -21.49 27.44 5.13
N PRO A 132 -22.03 26.28 5.51
CA PRO A 132 -22.92 26.10 6.63
C PRO A 132 -22.28 26.24 8.00
N CYS A 133 -22.72 27.23 8.77
CA CYS A 133 -22.07 27.41 10.05
C CYS A 133 -22.91 27.10 11.27
N VAL A 134 -22.25 27.12 12.44
CA VAL A 134 -23.02 26.92 13.64
C VAL A 134 -23.69 28.24 13.87
N PRO A 135 -24.89 28.20 14.37
CA PRO A 135 -25.59 29.44 14.64
C PRO A 135 -25.05 30.02 15.91
N GLY A 136 -24.78 31.29 15.82
CA GLY A 136 -24.22 31.98 16.99
C GLY A 136 -24.31 33.48 16.74
N SER A 137 -23.60 34.25 17.58
CA SER A 137 -23.62 35.73 17.56
C SER A 137 -23.19 36.39 16.28
N ASP A 138 -22.54 35.63 15.41
CA ASP A 138 -22.04 36.13 14.15
C ASP A 138 -21.24 37.37 14.44
N GLY A 139 -20.48 37.27 15.53
CA GLY A 139 -19.67 38.39 15.93
C GLY A 139 -19.18 38.22 17.33
N PRO A 140 -18.36 39.15 17.75
CA PRO A 140 -17.86 39.08 19.07
C PRO A 140 -18.92 39.55 20.04
N LEU A 141 -19.06 38.76 21.07
CA LEU A 141 -20.01 39.09 22.10
C LEU A 141 -19.63 40.44 22.64
N GLY A 142 -20.65 41.22 22.92
CA GLY A 142 -20.41 42.53 23.45
C GLY A 142 -20.25 42.44 24.95
N ASP A 143 -20.40 43.58 25.62
CA ASP A 143 -20.25 43.65 27.07
C ASP A 143 -21.56 43.85 27.83
N ASP A 144 -22.62 44.24 27.10
CA ASP A 144 -23.90 44.43 27.72
C ASP A 144 -24.88 43.30 27.55
N MET A 145 -24.82 42.47 28.59
CA MET A 145 -25.60 41.29 28.89
C MET A 145 -26.97 41.17 28.24
N ASP A 146 -27.69 42.27 28.17
CA ASP A 146 -29.02 42.25 27.62
C ASP A 146 -29.13 41.59 26.27
N LYS A 147 -28.32 42.13 25.37
CA LYS A 147 -28.21 41.62 24.01
C LYS A 147 -27.68 40.21 24.04
N ASN A 148 -26.71 39.98 24.91
CA ASN A 148 -26.17 38.65 24.96
C ASN A 148 -27.21 37.67 25.40
N ARG A 149 -28.04 38.09 26.36
CA ARG A 149 -29.10 37.25 26.89
C ARG A 149 -30.01 36.90 25.76
N ALA A 150 -30.01 37.81 24.81
CA ALA A 150 -30.85 37.70 23.67
C ALA A 150 -30.33 36.85 22.58
N ILE A 151 -29.01 36.81 22.53
CA ILE A 151 -28.40 36.04 21.47
C ILE A 151 -28.78 34.60 21.72
N ALA A 152 -28.34 34.23 22.91
CA ALA A 152 -28.61 32.92 23.43
C ALA A 152 -30.02 32.43 23.20
N LYS A 153 -30.97 33.16 23.76
CA LYS A 153 -32.37 32.82 23.67
C LYS A 153 -32.73 32.50 22.24
N ARG A 154 -32.14 33.28 21.37
CA ARG A 154 -32.41 33.10 19.98
C ARG A 154 -31.83 31.83 19.36
N ILE A 155 -30.57 31.67 19.57
CA ILE A 155 -29.91 30.49 19.10
C ILE A 155 -30.44 29.32 19.93
N GLY A 156 -30.83 29.62 21.17
CA GLY A 156 -31.33 28.66 22.15
C GLY A 156 -30.26 27.82 22.84
N TYR A 157 -30.44 27.60 24.15
CA TYR A 157 -29.50 26.79 24.93
C TYR A 157 -29.55 25.31 24.59
N PRO A 158 -28.47 24.56 24.87
CA PRO A 158 -27.28 25.10 25.44
C PRO A 158 -26.48 25.82 24.38
N VAL A 159 -25.44 26.45 24.85
CA VAL A 159 -24.59 27.19 24.00
C VAL A 159 -23.17 26.93 24.38
N ILE A 160 -22.32 27.73 23.77
CA ILE A 160 -20.92 27.58 24.03
C ILE A 160 -20.31 28.91 23.78
N ILE A 161 -19.51 29.32 24.75
CA ILE A 161 -18.81 30.56 24.65
C ILE A 161 -17.42 30.23 24.25
N LYS A 162 -17.11 30.59 23.03
CA LYS A 162 -15.82 30.33 22.45
C LYS A 162 -15.05 31.61 22.15
N ALA A 163 -13.67 31.52 22.39
CA ALA A 163 -12.74 32.62 22.10
C ALA A 163 -12.32 32.44 20.63
N SER A 164 -11.76 33.49 20.01
CA SER A 164 -11.30 33.43 18.65
C SER A 164 -9.87 33.00 18.43
N GLY A 165 -9.08 32.94 19.50
CA GLY A 165 -7.69 32.50 19.46
C GLY A 165 -7.38 31.03 19.28
N GLY A 166 -8.40 30.18 19.16
CA GLY A 166 -8.25 28.77 18.91
C GLY A 166 -7.84 27.98 20.13
N GLY A 167 -6.55 27.71 20.20
CA GLY A 167 -5.94 26.98 21.28
C GLY A 167 -6.00 25.53 21.17
N GLY A 168 -7.15 24.97 21.27
CA GLY A 168 -7.18 23.53 21.21
C GLY A 168 -7.85 23.03 22.45
N GLY A 169 -9.18 23.21 22.58
CA GLY A 169 -9.95 22.77 23.73
C GLY A 169 -9.88 23.74 24.89
N ARG A 170 -8.89 24.65 24.81
CA ARG A 170 -8.68 25.64 25.81
C ARG A 170 -9.42 26.90 25.37
N GLY A 171 -10.20 27.51 26.29
CA GLY A 171 -10.96 28.72 26.01
C GLY A 171 -12.43 28.54 25.60
N MET A 172 -13.06 27.54 26.15
CA MET A 172 -14.42 27.22 25.87
C MET A 172 -15.24 26.95 27.12
N ARG A 173 -16.53 27.30 27.06
CA ARG A 173 -17.45 27.13 28.15
C ARG A 173 -18.87 26.94 27.70
N VAL A 174 -19.51 25.93 28.27
CA VAL A 174 -20.90 25.58 27.99
C VAL A 174 -21.92 26.17 28.96
N VAL A 175 -22.83 26.95 28.40
CA VAL A 175 -23.89 27.55 29.17
C VAL A 175 -25.19 26.92 28.78
N ARG A 176 -26.06 26.61 29.75
CA ARG A 176 -27.35 26.02 29.42
C ARG A 176 -28.59 26.78 29.91
N GLY A 177 -28.34 27.88 30.62
CA GLY A 177 -29.40 28.72 31.15
C GLY A 177 -28.93 30.15 31.30
N ASP A 178 -29.90 31.04 31.45
CA ASP A 178 -29.58 32.45 31.63
C ASP A 178 -28.76 32.73 32.91
N ALA A 179 -28.87 31.87 33.92
CA ALA A 179 -28.12 32.08 35.16
C ALA A 179 -26.59 32.10 35.00
N GLU A 180 -26.04 31.09 34.33
CA GLU A 180 -24.60 30.99 34.16
C GLU A 180 -23.99 31.81 33.05
N LEU A 181 -24.83 32.40 32.19
CA LEU A 181 -24.35 33.21 31.09
C LEU A 181 -23.27 34.21 31.49
N ALA A 182 -23.63 35.13 32.37
CA ALA A 182 -22.70 36.16 32.82
C ALA A 182 -21.32 35.64 33.21
N GLN A 183 -21.28 34.71 34.16
CA GLN A 183 -20.05 34.10 34.66
C GLN A 183 -19.22 33.57 33.53
N SER A 184 -19.90 32.76 32.75
CA SER A 184 -19.32 32.10 31.62
C SER A 184 -18.55 33.06 30.73
N ILE A 185 -19.27 34.05 30.20
CA ILE A 185 -18.67 35.03 29.31
C ILE A 185 -17.41 35.57 29.94
N SER A 186 -17.52 35.87 31.22
CA SER A 186 -16.43 36.38 32.01
C SER A 186 -15.30 35.38 32.23
N MET A 187 -15.61 34.18 32.76
CA MET A 187 -14.62 33.13 33.02
C MET A 187 -13.77 32.89 31.78
N THR A 188 -14.52 32.67 30.69
CA THR A 188 -14.01 32.48 29.35
C THR A 188 -13.22 33.68 28.84
N ARG A 189 -13.71 34.93 29.04
CA ARG A 189 -12.99 36.12 28.58
C ARG A 189 -11.60 36.16 29.23
N ALA A 190 -11.56 35.75 30.51
CA ALA A 190 -10.35 35.69 31.33
C ALA A 190 -9.44 34.55 30.99
N GLU A 191 -10.04 33.47 30.58
CA GLU A 191 -9.21 32.37 30.22
C GLU A 191 -8.48 32.69 28.92
N ALA A 192 -9.07 33.57 28.10
CA ALA A 192 -8.50 33.95 26.82
C ALA A 192 -7.38 34.98 26.83
N LYS A 193 -7.58 36.04 27.59
CA LYS A 193 -6.56 37.08 27.69
C LYS A 193 -5.21 36.48 28.06
N ALA A 194 -5.25 35.64 29.10
CA ALA A 194 -4.09 34.95 29.66
C ALA A 194 -3.50 33.99 28.68
N ALA A 195 -4.36 33.15 28.18
CA ALA A 195 -3.86 32.17 27.27
C ALA A 195 -3.40 32.70 25.90
N PHE A 196 -4.34 33.11 25.08
CA PHE A 196 -4.03 33.53 23.74
C PHE A 196 -3.77 35.01 23.61
N SER A 197 -4.08 35.76 24.68
CA SER A 197 -3.89 37.19 24.66
C SER A 197 -4.85 37.84 23.66
N ASN A 198 -6.13 37.54 23.87
CA ASN A 198 -7.26 38.01 23.09
C ASN A 198 -8.55 37.54 23.74
N ASP A 199 -9.09 38.44 24.56
CA ASP A 199 -10.31 38.23 25.32
C ASP A 199 -11.56 38.19 24.42
N MET A 200 -11.39 38.45 23.14
CA MET A 200 -12.52 38.43 22.24
C MET A 200 -13.20 37.10 22.29
N VAL A 201 -14.53 37.14 22.33
CA VAL A 201 -15.28 35.91 22.37
C VAL A 201 -16.59 35.98 21.61
N TYR A 202 -17.03 34.80 21.11
CA TYR A 202 -18.25 34.60 20.36
C TYR A 202 -19.10 33.46 20.94
N MET A 203 -20.40 33.50 20.62
CA MET A 203 -21.34 32.51 21.09
C MET A 203 -21.93 31.70 19.97
N GLU A 204 -22.11 30.43 20.25
CA GLU A 204 -22.70 29.57 19.27
C GLU A 204 -23.42 28.44 19.93
N LYS A 205 -24.20 27.71 19.16
CA LYS A 205 -24.92 26.68 19.81
C LYS A 205 -23.99 25.56 20.12
N TYR A 206 -24.24 24.89 21.24
CA TYR A 206 -23.53 23.68 21.67
C TYR A 206 -24.20 22.42 21.11
N LEU A 207 -23.40 21.56 20.53
CA LEU A 207 -23.91 20.34 19.93
C LEU A 207 -23.62 19.16 20.81
N GLU A 208 -24.71 18.46 21.12
CA GLU A 208 -24.72 17.30 22.00
C GLU A 208 -24.01 16.06 21.52
N ASN A 209 -24.59 15.38 20.51
CA ASN A 209 -24.05 14.15 19.94
C ASN A 209 -23.77 14.23 18.46
N PRO A 210 -22.75 15.03 18.11
CA PRO A 210 -22.36 15.22 16.74
C PRO A 210 -21.10 14.43 16.53
N ARG A 211 -20.78 14.26 15.25
CA ARG A 211 -19.62 13.54 14.80
C ARG A 211 -18.72 14.56 14.19
N HIS A 212 -17.50 14.14 14.02
CA HIS A 212 -16.57 15.05 13.46
C HIS A 212 -16.25 14.67 12.04
N VAL A 213 -16.75 15.46 11.11
CA VAL A 213 -16.51 15.18 9.72
C VAL A 213 -15.71 16.29 9.13
N GLU A 214 -14.68 15.90 8.40
CA GLU A 214 -13.88 16.94 7.86
C GLU A 214 -13.69 16.78 6.34
N ILE A 215 -13.62 17.89 5.63
CA ILE A 215 -13.49 17.82 4.20
C ILE A 215 -12.10 18.27 3.73
N GLN A 216 -11.44 17.48 2.91
CA GLN A 216 -10.12 17.80 2.42
C GLN A 216 -10.18 18.54 1.11
N VAL A 217 -9.50 19.66 1.06
CA VAL A 217 -9.52 20.39 -0.18
C VAL A 217 -8.12 20.72 -0.61
N LEU A 218 -8.07 21.13 -1.88
CA LEU A 218 -6.88 21.57 -2.59
C LEU A 218 -7.23 22.74 -3.52
N ALA A 219 -6.35 23.75 -3.55
CA ALA A 219 -6.49 24.94 -4.39
C ALA A 219 -5.12 25.36 -4.86
N ASP A 220 -5.09 25.81 -6.09
CA ASP A 220 -3.89 26.28 -6.74
C ASP A 220 -3.75 27.78 -6.68
N GLY A 221 -4.83 28.49 -6.28
CA GLY A 221 -4.80 29.95 -6.20
C GLY A 221 -4.93 30.60 -7.59
N GLN A 222 -5.22 29.79 -8.61
CA GLN A 222 -5.40 30.16 -10.01
C GLN A 222 -6.85 30.11 -10.43
N GLY A 223 -7.65 29.74 -9.47
CA GLY A 223 -9.05 29.66 -9.73
C GLY A 223 -9.50 28.24 -9.52
N ASN A 224 -8.58 27.31 -9.39
CA ASN A 224 -9.03 25.94 -9.21
C ASN A 224 -9.07 25.43 -7.79
N ALA A 225 -10.05 24.58 -7.56
CA ALA A 225 -10.22 23.99 -6.25
C ALA A 225 -11.08 22.74 -6.22
N ILE A 226 -10.53 21.71 -5.60
CA ILE A 226 -11.26 20.48 -5.51
C ILE A 226 -11.35 19.95 -4.07
N TYR A 227 -12.41 19.17 -3.84
CA TYR A 227 -12.67 18.54 -2.58
C TYR A 227 -12.39 17.06 -2.69
N LEU A 228 -11.72 16.55 -1.68
CA LEU A 228 -11.44 15.16 -1.75
C LEU A 228 -12.20 14.29 -0.77
N ALA A 229 -13.52 14.43 -0.73
CA ALA A 229 -14.34 13.60 0.11
C ALA A 229 -14.19 13.91 1.58
N GLU A 230 -14.80 13.16 2.48
CA GLU A 230 -14.64 13.51 3.86
C GLU A 230 -13.83 12.52 4.67
N ARG A 231 -13.65 12.83 5.94
CA ARG A 231 -12.95 11.99 6.88
C ARG A 231 -13.69 12.10 8.17
N ASP A 232 -13.76 10.97 8.87
CA ASP A 232 -14.41 10.89 10.15
C ASP A 232 -13.36 10.72 11.23
N CYS A 233 -13.23 11.73 12.08
CA CYS A 233 -12.28 11.68 13.15
C CYS A 233 -12.94 11.77 14.51
N SER A 234 -14.12 11.19 14.67
CA SER A 234 -14.88 11.22 15.92
C SER A 234 -14.26 10.52 17.14
N MET A 235 -13.31 9.60 16.87
CA MET A 235 -12.55 8.80 17.83
C MET A 235 -11.57 9.64 18.65
N GLN A 236 -12.13 10.33 19.62
CA GLN A 236 -11.33 11.20 20.44
C GLN A 236 -11.26 10.77 21.86
N ARG A 237 -10.14 11.13 22.41
CA ARG A 237 -9.84 10.91 23.80
C ARG A 237 -9.20 12.19 24.26
N ARG A 238 -9.97 12.96 25.00
CA ARG A 238 -9.51 14.23 25.50
C ARG A 238 -9.05 15.14 24.40
N HIS A 239 -9.84 15.22 23.33
CA HIS A 239 -9.50 16.11 22.21
C HIS A 239 -8.35 15.60 21.32
N GLN A 240 -7.72 14.56 21.78
CA GLN A 240 -6.66 13.97 21.04
C GLN A 240 -7.24 12.99 19.99
N LYS A 241 -7.02 13.15 18.66
CA LYS A 241 -7.57 12.18 17.71
C LYS A 241 -6.85 10.85 17.84
N VAL A 242 -7.58 9.76 17.63
CA VAL A 242 -6.98 8.44 17.78
C VAL A 242 -7.19 7.57 16.56
N VAL A 243 -8.39 7.71 16.02
CA VAL A 243 -8.81 6.98 14.87
C VAL A 243 -9.54 7.83 13.86
N GLU A 244 -8.96 7.85 12.66
CA GLU A 244 -9.49 8.57 11.51
C GLU A 244 -9.91 7.59 10.41
N GLU A 245 -10.85 7.99 9.60
CA GLU A 245 -11.31 7.11 8.54
C GLU A 245 -11.98 7.90 7.42
N ALA A 246 -11.91 7.31 6.23
CA ALA A 246 -12.47 7.82 4.99
C ALA A 246 -12.91 6.62 4.18
N PRO A 247 -14.10 6.71 3.63
CA PRO A 247 -14.92 7.88 3.81
C PRO A 247 -15.63 7.80 5.15
N ALA A 248 -16.52 8.75 5.41
CA ALA A 248 -17.30 8.79 6.62
C ALA A 248 -18.52 7.97 6.35
N PRO A 249 -18.70 6.94 7.15
CA PRO A 249 -19.83 6.05 7.01
C PRO A 249 -21.07 6.86 7.21
N GLY A 250 -22.12 6.56 6.43
CA GLY A 250 -23.41 7.25 6.53
C GLY A 250 -23.52 8.49 5.68
N ILE A 251 -22.42 8.83 5.04
CA ILE A 251 -22.38 9.98 4.18
C ILE A 251 -22.54 9.60 2.72
N THR A 252 -23.69 10.02 2.19
CA THR A 252 -24.08 9.77 0.83
C THR A 252 -23.34 10.68 -0.10
N PRO A 253 -23.18 10.16 -1.28
CA PRO A 253 -22.45 10.86 -2.29
C PRO A 253 -23.04 12.23 -2.52
N GLU A 254 -24.34 12.30 -2.38
CA GLU A 254 -25.06 13.53 -2.59
C GLU A 254 -24.67 14.54 -1.54
N LEU A 255 -24.70 14.07 -0.32
CA LEU A 255 -24.34 14.89 0.80
C LEU A 255 -22.92 15.35 0.56
N ARG A 256 -22.10 14.37 0.15
CA ARG A 256 -20.70 14.55 -0.15
C ARG A 256 -20.46 15.63 -1.20
N ARG A 257 -21.30 15.71 -2.22
CA ARG A 257 -21.11 16.77 -3.19
C ARG A 257 -21.68 18.08 -2.71
N TYR A 258 -22.50 17.99 -1.68
CA TYR A 258 -23.12 19.17 -1.13
C TYR A 258 -22.09 20.03 -0.48
N ILE A 259 -21.68 19.58 0.70
CA ILE A 259 -20.69 20.28 1.52
C ILE A 259 -19.37 20.48 0.77
N GLY A 260 -19.07 19.57 -0.17
CA GLY A 260 -17.83 19.66 -0.93
C GLY A 260 -17.76 20.85 -1.86
N GLU A 261 -18.78 20.97 -2.65
CA GLU A 261 -18.86 22.01 -3.64
C GLU A 261 -18.79 23.39 -3.01
N ARG A 262 -19.41 23.52 -1.83
CA ARG A 262 -19.39 24.80 -1.20
C ARG A 262 -18.04 25.01 -0.59
N CYS A 263 -17.46 23.94 -0.10
CA CYS A 263 -16.13 24.09 0.46
C CYS A 263 -15.19 24.58 -0.63
N ALA A 264 -15.38 24.02 -1.82
CA ALA A 264 -14.62 24.40 -2.99
C ALA A 264 -14.89 25.86 -3.39
N LYS A 265 -16.15 26.28 -3.30
CA LYS A 265 -16.48 27.65 -3.61
C LYS A 265 -15.75 28.58 -2.64
N ALA A 266 -15.87 28.29 -1.34
CA ALA A 266 -15.20 29.07 -0.32
C ALA A 266 -13.71 29.24 -0.60
N CYS A 267 -12.99 28.14 -0.93
CA CYS A 267 -11.58 28.25 -1.26
C CYS A 267 -11.32 29.34 -2.30
N VAL A 268 -12.08 29.29 -3.34
CA VAL A 268 -11.86 30.25 -4.38
C VAL A 268 -12.11 31.66 -3.95
N ASP A 269 -13.17 31.79 -3.13
CA ASP A 269 -13.69 33.04 -2.59
C ASP A 269 -12.70 33.79 -1.73
N ILE A 270 -11.88 32.98 -1.11
CA ILE A 270 -10.87 33.46 -0.21
C ILE A 270 -9.48 33.47 -0.85
N GLY A 271 -9.38 33.03 -2.10
CA GLY A 271 -8.07 32.99 -2.73
C GLY A 271 -7.13 32.04 -2.00
N TYR A 272 -7.68 30.88 -1.66
CA TYR A 272 -6.95 29.85 -0.98
C TYR A 272 -6.00 29.11 -1.89
N ARG A 273 -4.82 28.86 -1.34
CA ARG A 273 -3.78 28.17 -2.06
C ARG A 273 -3.22 27.02 -1.24
N GLY A 274 -3.05 25.88 -1.88
CA GLY A 274 -2.46 24.73 -1.23
C GLY A 274 -3.47 23.86 -0.61
N ALA A 275 -2.98 22.88 0.16
CA ALA A 275 -3.86 21.98 0.88
C ALA A 275 -4.49 22.61 2.12
N GLY A 276 -5.65 22.11 2.48
CA GLY A 276 -6.32 22.62 3.65
C GLY A 276 -7.50 21.75 3.98
N THR A 277 -7.99 21.90 5.22
CA THR A 277 -9.10 21.12 5.71
C THR A 277 -10.21 21.89 6.38
N PHE A 278 -11.45 21.49 6.06
CA PHE A 278 -12.65 22.07 6.65
C PHE A 278 -13.28 21.12 7.64
N GLU A 279 -13.11 21.48 8.90
CA GLU A 279 -13.63 20.75 10.06
C GLU A 279 -15.13 21.01 10.31
N PHE A 280 -15.93 19.96 10.32
CA PHE A 280 -17.37 20.09 10.52
C PHE A 280 -17.86 19.21 11.64
N LEU A 281 -18.78 19.74 12.37
CA LEU A 281 -19.44 18.96 13.37
C LEU A 281 -20.61 18.37 12.57
N PHE A 282 -21.03 17.16 12.89
CA PHE A 282 -22.11 16.60 12.13
C PHE A 282 -23.17 15.90 12.94
N GLU A 283 -24.33 16.51 12.99
CA GLU A 283 -25.48 15.99 13.69
C GLU A 283 -26.72 16.12 12.84
N ASN A 284 -27.57 15.09 12.80
CA ASN A 284 -28.86 15.17 12.09
C ASN A 284 -28.72 15.40 10.63
N GLY A 285 -27.78 14.71 10.01
CA GLY A 285 -27.59 14.88 8.58
C GLY A 285 -27.40 16.34 8.20
N GLU A 286 -26.83 17.13 9.12
CA GLU A 286 -26.57 18.54 8.88
C GLU A 286 -25.11 18.83 9.21
N PHE A 287 -24.44 19.71 8.44
CA PHE A 287 -23.05 20.06 8.69
C PHE A 287 -22.96 21.41 9.28
N TYR A 288 -21.96 21.55 10.12
CA TYR A 288 -21.76 22.81 10.76
C TYR A 288 -20.28 23.06 10.88
N PHE A 289 -19.83 24.21 10.33
CA PHE A 289 -18.46 24.70 10.34
C PHE A 289 -17.94 25.07 11.73
N ILE A 290 -16.81 24.48 12.08
CA ILE A 290 -16.15 24.70 13.36
C ILE A 290 -14.92 25.55 13.13
N LYS A 291 -14.14 25.12 12.14
CA LYS A 291 -12.91 25.83 11.80
C LYS A 291 -12.29 25.42 10.48
N MET A 292 -11.07 25.90 10.25
CA MET A 292 -10.32 25.59 9.06
C MET A 292 -8.82 25.49 9.34
N ASN A 293 -8.23 24.33 8.99
CA ASN A 293 -6.83 24.01 9.12
C ASN A 293 -6.21 24.25 7.78
N THR A 294 -5.42 25.32 7.77
CA THR A 294 -4.72 25.91 6.65
C THR A 294 -3.38 25.22 6.54
N ARG A 295 -3.46 23.90 6.31
CA ARG A 295 -2.30 23.06 6.26
C ARG A 295 -2.65 21.60 6.02
N ILE A 296 -1.57 20.82 5.91
CA ILE A 296 -1.73 19.41 5.71
C ILE A 296 -1.99 18.81 7.07
N GLN A 297 -2.75 17.72 7.15
CA GLN A 297 -3.04 17.18 8.48
C GLN A 297 -2.40 15.86 8.79
N VAL A 298 -2.38 15.51 10.07
CA VAL A 298 -1.80 14.22 10.40
C VAL A 298 -2.51 13.06 9.69
N GLU A 299 -3.82 13.17 9.51
CA GLU A 299 -4.61 12.09 9.01
C GLU A 299 -4.82 12.07 7.54
N HIS A 300 -3.91 12.64 6.80
CA HIS A 300 -4.15 12.70 5.36
C HIS A 300 -3.97 11.41 4.62
N PRO A 301 -3.32 10.43 5.21
CA PRO A 301 -3.15 9.28 4.36
C PRO A 301 -4.42 8.54 3.95
N VAL A 302 -5.38 8.49 4.87
CA VAL A 302 -6.61 7.83 4.62
C VAL A 302 -7.28 8.29 3.35
N THR A 303 -7.21 9.58 3.15
CA THR A 303 -7.80 10.24 2.01
C THR A 303 -7.05 9.98 0.71
N GLU A 304 -5.74 9.81 0.82
CA GLU A 304 -4.93 9.55 -0.34
C GLU A 304 -5.19 8.15 -0.79
N MET A 305 -5.69 7.35 0.12
CA MET A 305 -5.94 5.95 -0.16
C MET A 305 -7.25 5.71 -0.91
N ILE A 306 -8.31 6.34 -0.42
CA ILE A 306 -9.60 6.21 -1.04
C ILE A 306 -9.71 7.03 -2.32
N THR A 307 -8.71 7.86 -2.59
CA THR A 307 -8.73 8.66 -3.77
C THR A 307 -7.62 8.38 -4.75
N GLY A 308 -6.48 7.95 -4.24
CA GLY A 308 -5.37 7.72 -5.15
C GLY A 308 -4.53 9.00 -5.39
N VAL A 309 -4.97 10.13 -4.79
CA VAL A 309 -4.29 11.43 -4.84
C VAL A 309 -3.24 11.58 -3.74
N ASP A 310 -2.05 12.04 -4.18
CA ASP A 310 -0.86 12.31 -3.34
C ASP A 310 -0.83 13.76 -2.94
N LEU A 311 -1.31 13.97 -1.72
CA LEU A 311 -1.39 15.32 -1.23
C LEU A 311 -0.11 16.17 -1.27
N ILE A 312 0.92 15.64 -0.67
CA ILE A 312 2.20 16.26 -0.66
C ILE A 312 2.70 16.66 -2.06
N LYS A 313 2.54 15.82 -3.08
CA LYS A 313 3.07 16.21 -4.34
C LYS A 313 2.32 17.38 -4.84
N GLU A 314 1.03 17.28 -4.62
CA GLU A 314 0.25 18.43 -5.01
C GLU A 314 0.63 19.71 -4.33
N GLN A 315 0.94 19.66 -3.06
CA GLN A 315 1.33 20.89 -2.39
C GLN A 315 2.56 21.41 -3.06
N LEU A 316 3.46 20.47 -3.27
CA LEU A 316 4.71 20.78 -3.90
C LEU A 316 4.45 21.31 -5.32
N ARG A 317 3.41 20.78 -5.95
CA ARG A 317 3.11 21.23 -7.29
C ARG A 317 2.57 22.65 -7.27
N ILE A 318 1.52 22.87 -6.48
CA ILE A 318 0.98 24.23 -6.34
C ILE A 318 2.12 25.22 -6.01
N ALA A 319 2.95 24.83 -5.06
CA ALA A 319 4.05 25.66 -4.62
C ALA A 319 4.96 26.14 -5.71
N ALA A 320 5.28 25.26 -6.65
CA ALA A 320 6.12 25.55 -7.81
C ALA A 320 5.38 26.32 -8.94
N GLY A 321 4.13 26.70 -8.73
CA GLY A 321 3.35 27.45 -9.70
C GLY A 321 2.33 26.69 -10.57
N GLN A 322 2.36 25.39 -10.47
CA GLN A 322 1.45 24.63 -11.26
C GLN A 322 -0.01 24.75 -10.83
N PRO A 323 -0.81 24.46 -11.84
CA PRO A 323 -2.23 24.48 -11.66
C PRO A 323 -2.58 23.10 -11.17
N LEU A 324 -3.84 22.91 -10.76
CA LEU A 324 -4.33 21.64 -10.30
C LEU A 324 -4.19 20.65 -11.43
N SER A 325 -3.64 19.49 -11.11
CA SER A 325 -3.44 18.44 -12.09
C SER A 325 -4.70 17.66 -12.29
N ILE A 326 -5.59 17.78 -11.29
CA ILE A 326 -6.84 17.06 -11.26
C ILE A 326 -8.07 17.94 -11.35
N LYS A 327 -9.15 17.30 -11.79
CA LYS A 327 -10.41 17.96 -11.94
C LYS A 327 -11.38 17.26 -11.00
N GLN A 328 -12.41 17.94 -10.50
CA GLN A 328 -13.35 17.28 -9.61
C GLN A 328 -13.87 15.97 -10.12
N GLU A 329 -14.27 16.03 -11.38
CA GLU A 329 -14.84 14.91 -12.07
C GLU A 329 -13.85 13.79 -12.26
N GLU A 330 -12.64 14.02 -11.83
CA GLU A 330 -11.70 12.96 -12.00
C GLU A 330 -11.46 12.34 -10.65
N VAL A 331 -12.11 12.93 -9.65
CA VAL A 331 -11.94 12.44 -8.32
C VAL A 331 -13.02 11.48 -7.97
N HIS A 332 -12.53 10.27 -7.68
CA HIS A 332 -13.36 9.14 -7.36
C HIS A 332 -12.99 8.50 -6.06
N VAL A 333 -14.01 8.35 -5.22
CA VAL A 333 -13.89 7.73 -3.92
C VAL A 333 -13.98 6.18 -4.05
N ARG A 334 -12.85 5.49 -3.78
CA ARG A 334 -12.75 4.04 -3.87
C ARG A 334 -12.23 3.31 -2.62
N GLY A 335 -13.07 2.38 -2.11
CA GLY A 335 -12.79 1.50 -0.97
C GLY A 335 -12.95 2.20 0.37
N HIS A 336 -12.28 1.69 1.38
CA HIS A 336 -12.38 2.34 2.68
C HIS A 336 -11.02 2.37 3.37
N ALA A 337 -10.75 3.41 4.21
CA ALA A 337 -9.48 3.60 4.93
C ALA A 337 -9.68 3.94 6.39
N VAL A 338 -8.80 3.37 7.19
CA VAL A 338 -8.70 3.50 8.62
C VAL A 338 -7.28 3.66 9.12
N GLU A 339 -7.00 4.79 9.79
CA GLU A 339 -5.68 5.09 10.35
C GLU A 339 -5.64 5.07 11.87
N CYS A 340 -4.66 4.38 12.42
CA CYS A 340 -4.52 4.32 13.85
C CYS A 340 -3.26 5.03 14.22
N ARG A 341 -3.35 6.06 15.03
CA ARG A 341 -2.08 6.68 15.33
C ARG A 341 -1.34 5.85 16.33
N ILE A 342 -0.03 5.75 16.17
CA ILE A 342 0.69 5.00 17.18
C ILE A 342 1.42 5.93 18.07
N ASN A 343 1.14 5.82 19.37
CA ASN A 343 1.74 6.69 20.33
C ASN A 343 2.67 5.95 21.27
N ALA A 344 3.65 6.71 21.78
CA ALA A 344 4.58 6.27 22.78
C ALA A 344 3.95 6.77 24.06
N GLU A 345 3.06 5.96 24.58
CA GLU A 345 2.43 6.44 25.77
C GLU A 345 1.97 5.34 26.70
N ASP A 346 1.67 5.74 27.93
CA ASP A 346 1.25 4.84 28.97
C ASP A 346 -0.25 4.66 28.94
N PRO A 347 -0.75 3.47 28.59
CA PRO A 347 -2.19 3.33 28.56
C PRO A 347 -2.86 3.66 29.90
N ASN A 348 -2.09 3.75 30.95
CA ASN A 348 -2.78 4.13 32.20
C ASN A 348 -2.82 5.63 32.40
N THR A 349 -1.62 6.24 32.50
CA THR A 349 -1.46 7.68 32.70
C THR A 349 -1.86 8.53 31.48
N PHE A 350 -1.73 7.88 30.32
CA PHE A 350 -1.95 8.45 28.99
C PHE A 350 -0.87 9.42 28.78
N LEU A 351 0.15 9.16 29.58
CA LEU A 351 1.37 9.92 29.63
C LEU A 351 2.44 9.34 28.74
N PRO A 352 3.09 10.27 28.08
CA PRO A 352 4.17 9.99 27.20
C PRO A 352 5.16 9.05 27.79
N SER A 353 5.60 8.14 26.95
CA SER A 353 6.53 7.14 27.41
C SER A 353 7.66 7.04 26.39
N PRO A 354 8.69 7.87 26.65
CA PRO A 354 9.90 7.99 25.88
C PRO A 354 10.87 6.88 26.24
N GLY A 355 11.83 6.63 25.34
CA GLY A 355 12.76 5.55 25.55
C GLY A 355 13.29 5.04 24.24
N LYS A 356 14.12 4.05 24.36
CA LYS A 356 14.71 3.51 23.18
C LYS A 356 14.04 2.22 22.78
N ILE A 357 13.85 2.09 21.46
CA ILE A 357 13.25 0.90 20.88
C ILE A 357 14.33 -0.15 20.62
N THR A 358 14.13 -1.30 21.24
CA THR A 358 15.04 -2.43 21.17
C THR A 358 14.75 -3.33 20.01
N ARG A 359 13.49 -3.59 19.87
CA ARG A 359 13.02 -4.43 18.83
C ARG A 359 11.82 -3.78 18.17
N PHE A 360 11.83 -3.88 16.84
CA PHE A 360 10.83 -3.31 15.98
C PHE A 360 10.65 -4.12 14.70
N HIS A 361 9.36 -4.25 14.35
CA HIS A 361 8.90 -4.96 13.18
C HIS A 361 7.63 -4.35 12.75
N ALA A 362 7.62 -4.03 11.48
CA ALA A 362 6.48 -3.39 10.87
C ALA A 362 5.66 -4.39 10.10
N PRO A 363 4.35 -4.18 10.08
CA PRO A 363 3.45 -5.05 9.38
C PRO A 363 3.43 -4.70 7.90
N GLY A 364 3.29 -5.69 7.08
CA GLY A 364 3.22 -5.46 5.66
C GLY A 364 1.98 -6.17 5.17
N GLY A 365 1.87 -6.32 3.87
CA GLY A 365 0.72 -7.00 3.33
C GLY A 365 -0.14 -6.11 2.47
N PHE A 366 -1.14 -6.71 1.92
CA PHE A 366 -1.97 -5.96 1.04
C PHE A 366 -2.80 -4.97 1.79
N GLY A 367 -2.78 -3.75 1.25
CA GLY A 367 -3.53 -2.58 1.71
C GLY A 367 -3.15 -2.08 3.08
N VAL A 368 -1.87 -2.23 3.39
CA VAL A 368 -1.32 -1.84 4.67
C VAL A 368 -0.27 -0.77 4.48
N ARG A 369 -0.46 0.37 5.14
CA ARG A 369 0.49 1.47 5.02
C ARG A 369 1.13 1.85 6.34
N TRP A 370 2.45 1.78 6.36
CA TRP A 370 3.15 2.09 7.57
C TRP A 370 3.85 3.43 7.44
N GLU A 371 3.34 4.40 8.19
CA GLU A 371 3.95 5.71 8.17
C GLU A 371 4.68 6.04 9.48
N SER A 372 6.02 5.85 9.58
CA SER A 372 6.77 6.18 10.78
C SER A 372 8.24 6.24 10.51
N HIS A 373 8.95 6.93 11.39
CA HIS A 373 10.37 7.10 11.31
C HIS A 373 11.08 6.15 12.28
N ILE A 374 10.31 5.50 13.13
CA ILE A 374 11.04 4.63 14.03
C ILE A 374 11.65 3.42 13.34
N TYR A 375 12.64 2.90 14.02
CA TYR A 375 13.38 1.71 13.66
C TYR A 375 13.96 1.11 14.93
N ALA A 376 14.79 0.08 14.80
CA ALA A 376 15.30 -0.52 16.02
C ALA A 376 16.58 0.10 16.50
N GLY A 377 16.56 0.43 17.81
CA GLY A 377 17.68 1.06 18.52
C GLY A 377 17.52 2.58 18.37
N TYR A 378 16.29 2.96 18.09
CA TYR A 378 15.89 4.36 17.94
C TYR A 378 15.43 4.88 19.29
N THR A 379 15.85 6.08 19.62
CA THR A 379 15.48 6.65 20.89
C THR A 379 14.46 7.75 20.79
N VAL A 380 13.31 7.45 21.33
CA VAL A 380 12.25 8.38 21.35
C VAL A 380 12.48 9.36 22.51
N PRO A 381 12.66 10.62 22.17
CA PRO A 381 12.92 11.63 23.16
C PRO A 381 11.64 12.20 23.81
N PRO A 382 11.90 12.83 24.96
CA PRO A 382 10.90 13.43 25.82
C PRO A 382 10.46 14.82 25.46
N TYR A 383 11.22 15.47 24.58
CA TYR A 383 10.97 16.83 24.20
C TYR A 383 9.75 17.18 23.42
N TYR A 384 9.46 16.34 22.43
CA TYR A 384 8.34 16.55 21.56
C TYR A 384 7.20 15.58 21.81
N ASP A 385 6.24 15.54 20.88
CA ASP A 385 5.07 14.69 21.01
C ASP A 385 5.31 13.21 21.23
N SER A 386 4.17 12.53 21.39
CA SER A 386 4.16 11.11 21.65
C SER A 386 4.00 10.28 20.39
N MET A 387 3.58 10.92 19.32
CA MET A 387 3.37 10.14 18.14
C MET A 387 4.61 9.67 17.43
N ILE A 388 4.63 8.35 17.25
CA ILE A 388 5.72 7.69 16.56
C ILE A 388 5.35 7.03 15.24
N GLY A 389 4.06 6.86 14.96
CA GLY A 389 3.64 6.24 13.72
C GLY A 389 2.14 6.32 13.41
N LYS A 390 1.82 5.99 12.16
CA LYS A 390 0.48 5.95 11.62
C LYS A 390 0.31 4.60 10.97
N LEU A 391 -0.75 3.91 11.31
CA LEU A 391 -1.01 2.60 10.75
C LEU A 391 -2.27 2.72 9.94
N ILE A 392 -2.11 2.66 8.62
CA ILE A 392 -3.23 2.86 7.74
C ILE A 392 -3.58 1.63 6.95
N CYS A 393 -4.83 1.14 7.01
CA CYS A 393 -5.23 -0.03 6.23
C CYS A 393 -6.33 0.22 5.27
N TYR A 394 -6.15 -0.37 4.10
CA TYR A 394 -7.15 -0.15 3.10
C TYR A 394 -7.92 -1.41 2.80
N GLY A 395 -9.13 -1.20 2.25
CA GLY A 395 -10.00 -2.29 1.89
C GLY A 395 -11.11 -1.97 0.92
N GLU A 396 -11.49 -2.98 0.15
CA GLU A 396 -12.58 -2.77 -0.79
C GLU A 396 -13.82 -2.23 -0.09
N ASN A 397 -13.86 -2.47 1.25
CA ASN A 397 -14.91 -2.00 2.13
C ASN A 397 -14.40 -1.80 3.55
N ARG A 398 -15.25 -1.21 4.37
CA ARG A 398 -14.96 -0.90 5.74
C ARG A 398 -14.60 -2.09 6.58
N ASP A 399 -15.49 -3.03 6.55
CA ASP A 399 -15.29 -4.23 7.30
C ASP A 399 -13.98 -4.89 6.91
N VAL A 400 -13.52 -4.64 5.70
CA VAL A 400 -12.28 -5.22 5.25
C VAL A 400 -11.09 -4.48 5.81
N ALA A 401 -11.30 -3.19 5.77
CA ALA A 401 -10.28 -2.28 6.22
C ALA A 401 -9.95 -2.58 7.65
N ILE A 402 -11.02 -2.85 8.45
CA ILE A 402 -10.99 -3.16 9.89
C ILE A 402 -10.24 -4.46 10.21
N ALA A 403 -10.64 -5.48 9.50
CA ALA A 403 -10.08 -6.81 9.58
C ALA A 403 -8.59 -6.78 9.43
N ARG A 404 -8.11 -6.11 8.35
CA ARG A 404 -6.70 -5.96 8.00
C ARG A 404 -5.94 -5.31 9.14
N MET A 405 -6.61 -4.29 9.71
CA MET A 405 -6.09 -3.46 10.81
C MET A 405 -5.87 -4.19 12.11
N LYS A 406 -6.72 -5.18 12.31
CA LYS A 406 -6.57 -6.01 13.46
C LYS A 406 -5.32 -6.79 13.27
N ASN A 407 -5.23 -7.44 12.11
CA ASN A 407 -4.05 -8.24 11.82
C ASN A 407 -2.82 -7.39 11.93
N ALA A 408 -2.87 -6.25 11.28
CA ALA A 408 -1.71 -5.40 11.32
C ALA A 408 -1.30 -5.00 12.74
N LEU A 409 -2.26 -4.58 13.56
CA LEU A 409 -1.91 -4.26 14.95
C LEU A 409 -1.24 -5.44 15.66
N GLN A 410 -1.38 -6.64 15.15
CA GLN A 410 -0.79 -7.73 15.88
C GLN A 410 0.59 -8.14 15.48
N GLU A 411 0.83 -8.00 14.19
CA GLU A 411 2.13 -8.32 13.63
C GLU A 411 3.11 -7.26 14.06
N LEU A 412 2.53 -6.17 14.54
CA LEU A 412 3.33 -5.03 14.93
C LEU A 412 4.13 -5.20 16.22
N ILE A 413 5.42 -5.00 16.05
CA ILE A 413 6.28 -5.14 17.18
C ILE A 413 7.10 -3.91 17.42
N ILE A 414 6.88 -3.35 18.59
CA ILE A 414 7.61 -2.23 19.11
C ILE A 414 7.95 -2.53 20.56
N ASP A 415 9.19 -2.97 20.78
CA ASP A 415 9.66 -3.25 22.14
C ASP A 415 10.56 -2.14 22.65
N GLY A 416 10.58 -2.04 23.97
CA GLY A 416 11.44 -1.09 24.64
C GLY A 416 10.71 0.14 25.17
N ILE A 417 9.40 0.20 24.92
CA ILE A 417 8.59 1.32 25.34
C ILE A 417 7.10 0.99 25.46
N LYS A 418 6.37 1.97 25.99
CA LYS A 418 4.94 1.84 26.14
C LYS A 418 4.26 2.49 24.96
N THR A 419 3.29 1.76 24.44
CA THR A 419 2.51 2.24 23.35
C THR A 419 1.03 2.01 23.60
N ASN A 420 0.25 2.72 22.78
CA ASN A 420 -1.20 2.73 22.75
C ASN A 420 -1.79 1.60 21.91
N VAL A 421 -0.96 0.74 21.41
CA VAL A 421 -1.38 -0.38 20.56
C VAL A 421 -2.54 -1.22 21.07
N ASP A 422 -2.48 -1.61 22.36
CA ASP A 422 -3.53 -2.40 22.96
C ASP A 422 -4.87 -1.76 22.78
N LEU A 423 -4.85 -0.43 22.98
CA LEU A 423 -6.02 0.41 22.86
C LEU A 423 -6.59 0.30 21.46
N GLN A 424 -5.70 0.47 20.49
CA GLN A 424 -6.11 0.37 19.11
C GLN A 424 -6.84 -0.93 18.82
N ILE A 425 -6.27 -2.00 19.30
CA ILE A 425 -6.86 -3.28 19.13
C ILE A 425 -8.26 -3.27 19.74
N ARG A 426 -8.34 -2.84 20.98
CA ARG A 426 -9.61 -2.77 21.67
C ARG A 426 -10.72 -2.04 20.88
N ILE A 427 -10.35 -0.96 20.21
CA ILE A 427 -11.31 -0.22 19.44
C ILE A 427 -11.68 -0.97 18.20
N MET A 428 -10.65 -1.60 17.66
CA MET A 428 -10.84 -2.39 16.47
C MET A 428 -11.90 -3.41 16.73
N ASN A 429 -11.89 -3.87 17.98
CA ASN A 429 -12.79 -4.87 18.48
C ASN A 429 -14.08 -4.26 18.94
N ASP A 430 -14.11 -2.96 19.00
CA ASP A 430 -15.34 -2.35 19.47
C ASP A 430 -16.52 -2.68 18.61
N GLU A 431 -17.43 -3.41 19.22
CA GLU A 431 -18.64 -3.78 18.50
C GLU A 431 -19.38 -2.55 17.97
N ASN A 432 -19.32 -1.44 18.73
CA ASN A 432 -19.95 -0.17 18.35
C ASN A 432 -19.23 0.42 17.18
N PHE A 433 -17.93 0.30 17.28
CA PHE A 433 -17.02 0.70 16.25
C PHE A 433 -17.21 -0.16 14.98
N GLN A 434 -17.41 -1.47 15.17
CA GLN A 434 -17.61 -2.31 14.00
C GLN A 434 -18.82 -1.86 13.19
N HIS A 435 -19.89 -1.51 13.92
CA HIS A 435 -21.14 -1.03 13.34
C HIS A 435 -20.83 0.31 12.68
N GLY A 436 -20.18 1.16 13.50
CA GLY A 436 -19.68 2.48 13.12
C GLY A 436 -20.55 3.68 13.42
N GLY A 437 -20.13 4.81 12.87
CA GLY A 437 -20.87 6.04 13.02
C GLY A 437 -21.03 6.59 14.42
N THR A 438 -20.04 6.28 15.28
CA THR A 438 -19.94 6.72 16.68
C THR A 438 -19.57 8.20 16.79
N ASN A 439 -20.00 8.82 17.89
CA ASN A 439 -19.76 10.22 18.22
C ASN A 439 -18.44 10.49 18.96
N ILE A 440 -18.09 11.77 18.97
CA ILE A 440 -16.87 12.19 19.59
C ILE A 440 -16.89 11.93 21.09
N HIS A 441 -18.01 11.38 21.56
CA HIS A 441 -18.05 11.12 22.97
C HIS A 441 -17.86 9.67 23.32
N TYR A 442 -17.98 8.86 22.26
CA TYR A 442 -17.85 7.42 22.41
C TYR A 442 -16.61 6.96 23.14
N LEU A 443 -15.44 7.33 22.63
CA LEU A 443 -14.23 6.88 23.29
C LEU A 443 -14.15 7.21 24.77
N GLU A 444 -14.22 8.51 25.07
CA GLU A 444 -14.18 9.00 26.43
C GLU A 444 -15.10 8.17 27.32
N LYS A 445 -16.37 8.07 26.99
CA LYS A 445 -17.25 7.27 27.84
C LYS A 445 -16.93 5.75 27.97
N LYS A 446 -16.49 5.09 26.91
CA LYS A 446 -16.19 3.67 26.95
C LYS A 446 -14.98 3.41 27.78
N LEU A 447 -14.07 4.36 27.67
CA LEU A 447 -12.84 4.35 28.42
C LEU A 447 -13.14 4.43 29.90
N GLY A 448 -14.43 4.46 30.24
CA GLY A 448 -14.88 4.55 31.59
C GLY A 448 -14.43 5.89 32.14
N LEU A 449 -14.32 6.86 31.19
CA LEU A 449 -13.92 8.24 31.43
C LEU A 449 -15.06 9.13 31.97
N GLN A 450 -14.69 9.98 32.97
CA GLN A 450 -15.50 10.95 33.69
C GLN A 450 -15.04 12.34 33.28
N HIS B 3 -19.35 -19.23 6.73
CA HIS B 3 -19.61 -20.04 5.53
C HIS B 3 -18.31 -20.45 4.87
N MET B 4 -17.29 -20.30 5.69
CA MET B 4 -15.96 -20.59 5.26
C MET B 4 -15.49 -21.99 5.59
N LEU B 5 -14.21 -22.12 5.34
CA LEU B 5 -13.36 -23.23 5.59
C LEU B 5 -12.89 -23.04 7.04
N ASP B 6 -12.97 -24.05 7.87
CA ASP B 6 -12.56 -23.77 9.20
C ASP B 6 -11.07 -23.54 9.37
N LYS B 7 -10.31 -24.52 8.99
CA LYS B 7 -8.91 -24.37 9.19
C LYS B 7 -8.18 -25.00 8.03
N ILE B 8 -7.08 -24.37 7.63
CA ILE B 8 -6.29 -24.91 6.55
C ILE B 8 -4.81 -25.10 6.93
N VAL B 9 -4.12 -25.95 6.15
CA VAL B 9 -2.70 -26.26 6.25
C VAL B 9 -1.94 -25.45 5.22
N ILE B 10 -1.00 -24.63 5.68
CA ILE B 10 -0.20 -23.85 4.75
C ILE B 10 0.99 -24.70 4.35
N ALA B 11 0.86 -25.40 3.22
CA ALA B 11 1.90 -26.27 2.75
C ALA B 11 2.98 -25.57 1.93
N ASN B 12 3.70 -24.75 2.61
CA ASN B 12 4.74 -23.99 2.02
C ASN B 12 5.51 -23.22 3.09
N ARG B 13 6.36 -22.33 2.62
CA ARG B 13 7.23 -21.55 3.48
C ARG B 13 7.54 -20.18 2.90
N GLY B 14 8.38 -19.42 3.62
CA GLY B 14 8.77 -18.09 3.21
C GLY B 14 7.59 -17.15 3.02
N GLU B 15 7.86 -16.14 2.23
CA GLU B 15 6.88 -15.12 1.98
C GLU B 15 5.52 -15.61 1.60
N ILE B 16 5.49 -16.49 0.62
CA ILE B 16 4.23 -16.99 0.15
C ILE B 16 3.39 -17.47 1.27
N ALA B 17 4.01 -18.16 2.20
CA ALA B 17 3.28 -18.66 3.34
C ALA B 17 2.72 -17.55 4.26
N LEU B 18 3.45 -16.45 4.33
CA LEU B 18 3.05 -15.32 5.13
C LEU B 18 1.87 -14.67 4.47
N ARG B 19 2.01 -14.51 3.17
CA ARG B 19 0.96 -13.92 2.39
C ARG B 19 -0.37 -14.62 2.65
N ILE B 20 -0.29 -15.94 2.70
CA ILE B 20 -1.44 -16.79 2.89
C ILE B 20 -2.03 -16.70 4.29
N LEU B 21 -1.13 -16.68 5.24
CA LEU B 21 -1.51 -16.58 6.62
C LEU B 21 -2.22 -15.26 6.88
N ARG B 22 -1.72 -14.22 6.27
CA ARG B 22 -2.39 -12.96 6.38
C ARG B 22 -3.80 -13.08 5.78
N ALA B 23 -3.93 -13.70 4.60
CA ALA B 23 -5.27 -13.76 4.01
C ALA B 23 -6.28 -14.55 4.83
N CYS B 24 -5.79 -15.58 5.49
CA CYS B 24 -6.57 -16.41 6.37
C CYS B 24 -7.12 -15.64 7.59
N LYS B 25 -6.26 -14.88 8.24
CA LYS B 25 -6.64 -14.08 9.40
C LYS B 25 -7.72 -13.04 9.07
N GLU B 26 -7.77 -12.67 7.80
CA GLU B 26 -8.74 -11.71 7.35
C GLU B 26 -10.11 -12.33 7.11
N LEU B 27 -10.16 -13.64 6.89
CA LEU B 27 -11.42 -14.31 6.67
C LEU B 27 -11.82 -15.13 7.88
N GLY B 28 -11.01 -15.05 8.95
CA GLY B 28 -11.27 -15.82 10.17
C GLY B 28 -10.91 -17.31 10.09
N ILE B 29 -9.98 -17.58 9.21
CA ILE B 29 -9.57 -18.93 9.03
C ILE B 29 -8.43 -19.34 9.95
N LYS B 30 -8.66 -20.44 10.69
CA LYS B 30 -7.65 -20.98 11.60
C LYS B 30 -6.55 -21.52 10.72
N THR B 31 -5.32 -21.29 11.15
CA THR B 31 -4.18 -21.72 10.37
C THR B 31 -3.35 -22.78 11.06
N VAL B 32 -2.62 -23.51 10.23
CA VAL B 32 -1.71 -24.57 10.62
C VAL B 32 -0.44 -24.47 9.79
N ALA B 33 0.65 -24.09 10.43
CA ALA B 33 1.88 -23.95 9.69
C ALA B 33 2.71 -25.21 9.72
N VAL B 34 2.83 -25.96 8.61
CA VAL B 34 3.69 -27.17 8.64
C VAL B 34 5.04 -26.64 8.20
N HIS B 35 6.10 -27.08 8.86
CA HIS B 35 7.43 -26.61 8.55
C HIS B 35 8.52 -27.61 8.92
N SER B 36 9.64 -27.47 8.25
CA SER B 36 10.78 -28.29 8.44
C SER B 36 11.54 -27.86 9.67
N SER B 37 12.44 -28.74 10.01
CA SER B 37 13.24 -28.55 11.21
C SER B 37 14.12 -27.33 11.20
N ALA B 38 14.22 -26.69 10.04
CA ALA B 38 15.06 -25.52 9.83
C ALA B 38 14.27 -24.23 9.73
N ASP B 39 12.95 -24.40 9.73
CA ASP B 39 12.02 -23.32 9.54
C ASP B 39 11.21 -22.96 10.76
N ARG B 40 11.63 -23.45 11.87
CA ARG B 40 10.94 -23.21 13.11
C ARG B 40 10.79 -21.73 13.38
N ASP B 41 11.62 -20.95 12.69
CA ASP B 41 11.61 -19.55 12.95
C ASP B 41 11.05 -18.67 11.90
N LEU B 42 10.26 -19.26 11.02
CA LEU B 42 9.66 -18.51 9.95
C LEU B 42 8.66 -17.61 10.60
N LYS B 43 8.53 -16.38 10.07
CA LYS B 43 7.59 -15.40 10.58
C LYS B 43 6.18 -15.94 10.67
N HIS B 44 5.76 -16.62 9.62
CA HIS B 44 4.44 -17.22 9.58
C HIS B 44 4.37 -18.41 10.53
N VAL B 45 5.48 -19.09 10.79
CA VAL B 45 5.40 -20.20 11.73
C VAL B 45 5.10 -19.67 13.15
N LEU B 46 5.64 -18.51 13.44
CA LEU B 46 5.44 -17.88 14.71
C LEU B 46 4.08 -17.17 14.85
N LEU B 47 3.42 -16.88 13.74
CA LEU B 47 2.11 -16.25 13.81
C LEU B 47 0.93 -17.25 13.68
N ALA B 48 1.21 -18.43 13.15
CA ALA B 48 0.21 -19.45 12.95
C ALA B 48 -0.46 -19.91 14.25
N ASP B 49 -1.72 -20.33 14.13
CA ASP B 49 -2.54 -20.83 15.23
C ASP B 49 -1.97 -22.13 15.78
N GLU B 50 -1.58 -22.99 14.84
CA GLU B 50 -0.97 -24.28 15.13
C GLU B 50 0.28 -24.42 14.31
N THR B 51 1.14 -25.32 14.77
CA THR B 51 2.43 -25.57 14.17
C THR B 51 2.87 -27.04 14.23
N VAL B 52 3.27 -27.55 13.07
CA VAL B 52 3.70 -28.92 13.01
C VAL B 52 5.02 -29.09 12.30
N CYS B 53 5.97 -29.77 12.93
CA CYS B 53 7.24 -30.03 12.24
C CYS B 53 7.11 -31.25 11.35
N ILE B 54 7.09 -31.00 10.06
CA ILE B 54 6.89 -32.12 9.17
C ILE B 54 8.13 -32.93 8.83
N GLY B 55 9.30 -32.41 9.14
CA GLY B 55 10.47 -33.18 8.80
C GLY B 55 11.72 -32.35 8.86
N PRO B 56 12.82 -32.96 8.39
CA PRO B 56 14.13 -32.33 8.35
C PRO B 56 14.18 -31.21 7.33
N ALA B 57 15.35 -30.62 7.27
CA ALA B 57 15.56 -29.48 6.43
C ALA B 57 15.45 -29.71 4.94
N PRO B 58 16.04 -30.78 4.46
CA PRO B 58 15.94 -30.98 3.02
C PRO B 58 14.48 -31.19 2.63
N SER B 59 14.10 -30.41 1.64
CA SER B 59 12.77 -30.38 1.11
C SER B 59 12.09 -31.72 0.91
N VAL B 60 12.85 -32.59 0.26
CA VAL B 60 12.44 -33.95 -0.06
C VAL B 60 11.77 -34.68 1.11
N LYS B 61 12.22 -34.34 2.32
CA LYS B 61 11.74 -34.95 3.53
C LYS B 61 10.82 -34.06 4.31
N SER B 62 10.60 -32.87 3.81
CA SER B 62 9.73 -31.97 4.49
C SER B 62 8.68 -31.45 3.53
N TYR B 63 8.97 -30.29 2.99
CA TYR B 63 8.06 -29.61 2.13
C TYR B 63 7.59 -30.42 0.98
N LEU B 64 8.21 -31.54 0.76
CA LEU B 64 7.74 -32.34 -0.32
C LEU B 64 7.29 -33.69 0.21
N ASN B 65 7.33 -33.84 1.52
CA ASN B 65 6.91 -35.08 2.11
C ASN B 65 5.38 -35.16 2.22
N ILE B 66 4.74 -35.64 1.16
CA ILE B 66 3.29 -35.79 1.06
C ILE B 66 2.56 -36.32 2.29
N PRO B 67 2.79 -37.57 2.58
CA PRO B 67 2.19 -38.26 3.71
C PRO B 67 2.33 -37.44 4.97
N ALA B 68 3.50 -36.84 5.12
CA ALA B 68 3.82 -36.02 6.26
C ALA B 68 2.89 -34.86 6.41
N ILE B 69 2.56 -34.34 5.26
CA ILE B 69 1.71 -33.21 5.22
C ILE B 69 0.27 -33.65 5.40
N ILE B 70 -0.07 -34.72 4.72
CA ILE B 70 -1.43 -35.17 4.81
C ILE B 70 -1.74 -35.49 6.27
N SER B 71 -0.82 -36.25 6.83
CA SER B 71 -0.82 -36.68 8.22
C SER B 71 -1.01 -35.51 9.17
N ALA B 72 -0.30 -34.42 8.90
CA ALA B 72 -0.40 -33.20 9.71
C ALA B 72 -1.73 -32.49 9.57
N ALA B 73 -2.30 -32.59 8.39
CA ALA B 73 -3.57 -32.01 8.10
C ALA B 73 -4.59 -32.71 8.97
N GLU B 74 -4.41 -34.00 9.02
CA GLU B 74 -5.26 -34.91 9.74
C GLU B 74 -5.33 -34.67 11.23
N ILE B 75 -4.19 -34.78 11.87
CA ILE B 75 -4.16 -34.62 13.32
C ILE B 75 -4.55 -33.24 13.80
N THR B 76 -4.55 -32.30 12.89
CA THR B 76 -4.86 -30.95 13.28
C THR B 76 -6.29 -30.59 13.02
N GLY B 77 -7.02 -31.49 12.35
CA GLY B 77 -8.42 -31.36 12.00
C GLY B 77 -8.72 -30.22 11.05
N ALA B 78 -7.80 -30.09 10.13
CA ALA B 78 -7.82 -29.12 9.07
C ALA B 78 -8.67 -29.72 7.99
N VAL B 79 -9.21 -28.84 7.16
CA VAL B 79 -10.06 -29.26 6.07
C VAL B 79 -9.57 -28.90 4.67
N ALA B 80 -8.65 -27.95 4.63
CA ALA B 80 -8.12 -27.51 3.36
C ALA B 80 -6.61 -27.36 3.45
N ILE B 81 -5.96 -27.48 2.31
CA ILE B 81 -4.52 -27.36 2.22
C ILE B 81 -4.05 -26.46 1.09
N HIS B 82 -3.35 -25.36 1.40
CA HIS B 82 -2.88 -24.45 0.37
C HIS B 82 -1.47 -24.76 -0.07
N PRO B 83 -1.28 -25.22 -1.29
CA PRO B 83 0.04 -25.61 -1.73
C PRO B 83 0.92 -24.43 -1.96
N GLY B 84 0.34 -23.24 -2.07
CA GLY B 84 1.16 -22.05 -2.32
C GLY B 84 1.73 -22.13 -3.73
N TYR B 85 3.01 -21.86 -3.88
CA TYR B 85 3.61 -22.01 -5.20
C TYR B 85 4.86 -22.88 -5.08
N GLY B 86 5.22 -23.47 -6.19
CA GLY B 86 6.40 -24.28 -6.35
C GLY B 86 6.70 -25.58 -5.63
N PHE B 87 6.05 -25.98 -4.58
CA PHE B 87 6.57 -27.23 -4.05
C PHE B 87 5.71 -28.34 -4.58
N LEU B 88 4.51 -28.40 -4.06
CA LEU B 88 3.59 -29.42 -4.49
C LEU B 88 2.43 -28.81 -5.25
N SER B 89 2.49 -27.49 -5.33
CA SER B 89 1.51 -26.67 -6.00
C SER B 89 1.02 -27.27 -7.31
N GLU B 90 1.93 -27.95 -8.01
CA GLU B 90 1.63 -28.49 -9.33
C GLU B 90 1.77 -30.01 -9.55
N ASN B 91 1.60 -30.76 -8.47
CA ASN B 91 1.69 -32.20 -8.32
C ASN B 91 0.33 -32.87 -8.29
N ALA B 92 -0.03 -33.44 -9.44
CA ALA B 92 -1.28 -34.14 -9.68
C ALA B 92 -1.61 -35.13 -8.60
N ASN B 93 -0.59 -35.91 -8.36
CA ASN B 93 -0.65 -36.97 -7.38
C ASN B 93 -0.96 -36.47 -6.01
N PHE B 94 -0.33 -35.36 -5.70
CA PHE B 94 -0.55 -34.78 -4.41
C PHE B 94 -1.96 -34.26 -4.36
N ALA B 95 -2.30 -33.52 -5.40
CA ALA B 95 -3.64 -32.99 -5.48
C ALA B 95 -4.67 -34.11 -5.40
N GLU B 96 -4.35 -35.23 -6.01
CA GLU B 96 -5.25 -36.36 -5.99
C GLU B 96 -5.39 -36.95 -4.60
N GLN B 97 -4.25 -37.01 -3.92
CA GLN B 97 -4.20 -37.59 -2.59
C GLN B 97 -4.96 -36.77 -1.61
N VAL B 98 -4.82 -35.50 -1.81
CA VAL B 98 -5.46 -34.61 -0.94
C VAL B 98 -6.96 -34.85 -0.97
N GLU B 99 -7.47 -34.80 -2.16
CA GLU B 99 -8.88 -34.97 -2.32
C GLU B 99 -9.30 -36.36 -1.93
N ARG B 100 -8.57 -37.32 -2.43
CA ARG B 100 -8.86 -38.72 -2.12
C ARG B 100 -8.91 -38.93 -0.63
N SER B 101 -8.26 -38.01 0.06
CA SER B 101 -8.18 -38.06 1.49
C SER B 101 -9.32 -37.35 2.18
N GLY B 102 -10.24 -36.83 1.39
CA GLY B 102 -11.38 -36.13 1.95
C GLY B 102 -11.11 -34.66 2.20
N PHE B 103 -9.88 -34.22 1.92
CA PHE B 103 -9.53 -32.83 2.11
C PHE B 103 -9.96 -32.01 0.92
N ILE B 104 -9.77 -30.72 1.04
CA ILE B 104 -10.10 -29.85 -0.04
C ILE B 104 -8.85 -29.25 -0.64
N PHE B 105 -8.57 -29.55 -1.91
CA PHE B 105 -7.39 -29.01 -2.55
C PHE B 105 -7.64 -27.58 -3.03
N ILE B 106 -6.78 -26.67 -2.57
CA ILE B 106 -6.87 -25.27 -2.91
C ILE B 106 -6.15 -25.06 -4.21
N GLY B 107 -6.78 -25.59 -5.26
CA GLY B 107 -6.24 -25.53 -6.59
C GLY B 107 -7.17 -26.22 -7.55
N PRO B 108 -6.73 -26.35 -8.77
CA PRO B 108 -7.57 -26.97 -9.73
C PRO B 108 -7.60 -28.45 -9.42
N LYS B 109 -8.34 -29.21 -10.22
CA LYS B 109 -8.38 -30.62 -10.02
C LYS B 109 -7.16 -31.28 -10.63
N ALA B 110 -6.75 -32.44 -10.09
CA ALA B 110 -5.58 -33.14 -10.62
C ALA B 110 -5.57 -33.32 -12.13
N GLU B 111 -6.71 -33.79 -12.64
CA GLU B 111 -6.83 -34.03 -14.06
C GLU B 111 -6.49 -32.82 -14.89
N THR B 112 -6.77 -31.62 -14.37
CA THR B 112 -6.44 -30.43 -15.11
C THR B 112 -4.95 -30.22 -15.04
N ILE B 113 -4.46 -30.41 -13.82
CA ILE B 113 -3.07 -30.26 -13.55
C ILE B 113 -2.18 -31.04 -14.51
N ARG B 114 -2.46 -32.33 -14.67
CA ARG B 114 -1.66 -33.17 -15.58
C ARG B 114 -1.77 -32.75 -17.04
N LEU B 115 -3.00 -32.41 -17.35
CA LEU B 115 -3.37 -31.97 -18.65
C LEU B 115 -2.44 -30.89 -19.09
N MET B 116 -2.42 -29.85 -18.27
CA MET B 116 -1.61 -28.66 -18.49
C MET B 116 -0.22 -28.82 -17.93
N GLY B 117 0.04 -30.04 -17.42
CA GLY B 117 1.32 -30.44 -16.86
C GLY B 117 2.19 -30.98 -17.98
N ASP B 118 1.52 -31.33 -19.07
CA ASP B 118 2.14 -31.86 -20.29
C ASP B 118 1.99 -30.85 -21.41
N LYS B 119 3.12 -30.29 -21.82
CA LYS B 119 3.18 -29.28 -22.85
C LYS B 119 2.33 -29.59 -24.06
N VAL B 120 2.54 -30.80 -24.60
CA VAL B 120 1.80 -31.24 -25.77
C VAL B 120 0.30 -31.28 -25.52
N SER B 121 -0.08 -31.96 -24.43
CA SER B 121 -1.48 -32.09 -24.01
C SER B 121 -2.09 -30.70 -23.87
N ALA B 122 -1.30 -29.82 -23.25
CA ALA B 122 -1.63 -28.43 -23.00
C ALA B 122 -1.97 -27.72 -24.31
N ILE B 123 -0.97 -27.74 -25.20
CA ILE B 123 -1.04 -27.11 -26.48
C ILE B 123 -2.29 -27.48 -27.25
N ALA B 124 -2.40 -28.76 -27.51
CA ALA B 124 -3.55 -29.25 -28.23
C ALA B 124 -4.86 -28.83 -27.58
N ALA B 125 -4.85 -28.73 -26.24
CA ALA B 125 -6.05 -28.32 -25.51
C ALA B 125 -6.30 -26.86 -25.76
N MET B 126 -5.19 -26.16 -25.82
CA MET B 126 -5.20 -24.75 -26.04
C MET B 126 -5.66 -24.40 -27.42
N LYS B 127 -5.01 -25.05 -28.42
CA LYS B 127 -5.35 -24.91 -29.85
C LYS B 127 -6.86 -24.92 -29.99
N LYS B 128 -7.42 -26.05 -29.51
CA LYS B 128 -8.86 -26.31 -29.46
C LYS B 128 -9.61 -25.12 -28.87
N ALA B 129 -9.24 -24.70 -27.66
CA ALA B 129 -9.89 -23.59 -26.98
C ALA B 129 -9.82 -22.27 -27.74
N GLY B 130 -8.94 -22.23 -28.76
CA GLY B 130 -8.83 -21.03 -29.57
C GLY B 130 -7.73 -20.08 -29.16
N VAL B 131 -6.86 -20.58 -28.30
CA VAL B 131 -5.73 -19.84 -27.78
C VAL B 131 -4.53 -19.95 -28.73
N PRO B 132 -3.98 -18.82 -29.16
CA PRO B 132 -2.84 -18.80 -30.05
C PRO B 132 -1.67 -19.52 -29.45
N CYS B 133 -1.15 -20.47 -30.24
CA CYS B 133 0.00 -21.22 -29.86
C CYS B 133 1.01 -21.03 -30.95
N VAL B 134 2.25 -21.32 -30.57
CA VAL B 134 3.37 -21.20 -31.46
C VAL B 134 3.30 -22.31 -32.50
N PRO B 135 3.53 -21.92 -33.77
CA PRO B 135 3.53 -22.86 -34.87
C PRO B 135 4.58 -23.91 -34.58
N GLY B 136 4.13 -25.17 -34.51
CA GLY B 136 4.98 -26.32 -34.22
C GLY B 136 4.49 -27.63 -34.83
N SER B 137 4.83 -28.73 -34.16
CA SER B 137 4.47 -30.08 -34.56
C SER B 137 3.01 -30.46 -34.32
N ASP B 138 2.41 -29.81 -33.33
CA ASP B 138 1.02 -30.08 -33.03
C ASP B 138 0.86 -31.54 -32.62
N GLY B 139 1.96 -32.11 -32.14
CA GLY B 139 1.96 -33.49 -31.71
C GLY B 139 3.35 -33.82 -31.24
N PRO B 140 3.56 -35.09 -30.87
CA PRO B 140 4.84 -35.56 -30.41
C PRO B 140 5.71 -35.90 -31.61
N LEU B 141 7.02 -35.66 -31.43
CA LEU B 141 7.96 -35.89 -32.52
C LEU B 141 8.13 -37.34 -32.91
N GLY B 142 8.17 -37.50 -34.25
CA GLY B 142 8.33 -38.76 -34.97
C GLY B 142 9.72 -39.38 -34.80
N ASP B 143 9.79 -40.71 -35.07
CA ASP B 143 10.98 -41.59 -34.97
C ASP B 143 12.03 -41.40 -36.06
N ASP B 144 11.52 -41.06 -37.26
CA ASP B 144 12.25 -40.78 -38.51
C ASP B 144 12.13 -39.31 -38.94
N MET B 145 13.21 -38.82 -39.55
CA MET B 145 13.34 -37.43 -39.98
C MET B 145 12.66 -36.95 -41.24
N ASP B 146 12.27 -37.87 -42.10
CA ASP B 146 11.65 -37.44 -43.33
C ASP B 146 10.41 -36.59 -43.12
N LYS B 147 9.71 -36.93 -42.04
CA LYS B 147 8.49 -36.26 -41.62
C LYS B 147 8.82 -35.17 -40.62
N ASN B 148 10.03 -35.27 -40.07
CA ASN B 148 10.52 -34.30 -39.11
C ASN B 148 10.98 -33.05 -39.84
N ARG B 149 11.74 -33.32 -40.91
CA ARG B 149 12.31 -32.30 -41.79
C ARG B 149 11.26 -31.38 -42.39
N ALA B 150 10.21 -32.00 -42.92
CA ALA B 150 9.14 -31.23 -43.54
C ALA B 150 8.37 -30.36 -42.56
N ILE B 151 8.26 -30.79 -41.30
CA ILE B 151 7.56 -29.97 -40.33
C ILE B 151 8.38 -28.71 -40.16
N ALA B 152 9.61 -28.98 -39.70
CA ALA B 152 10.61 -27.97 -39.45
C ALA B 152 10.71 -26.94 -40.59
N LYS B 153 10.61 -27.42 -41.82
CA LYS B 153 10.63 -26.58 -43.03
C LYS B 153 9.31 -25.79 -43.09
N ARG B 154 8.22 -26.52 -42.86
CA ARG B 154 6.86 -26.05 -42.87
C ARG B 154 6.72 -24.95 -41.84
N ILE B 155 7.21 -25.29 -40.65
CA ILE B 155 7.20 -24.41 -39.50
C ILE B 155 8.04 -23.19 -39.82
N GLY B 156 9.27 -23.49 -40.29
CA GLY B 156 10.25 -22.49 -40.65
C GLY B 156 11.31 -22.33 -39.55
N TYR B 157 12.56 -22.11 -39.97
CA TYR B 157 13.65 -21.94 -39.03
C TYR B 157 13.82 -20.48 -38.63
N PRO B 158 14.37 -20.23 -37.44
CA PRO B 158 14.82 -21.26 -36.52
C PRO B 158 13.66 -21.99 -35.89
N VAL B 159 14.01 -23.10 -35.28
CA VAL B 159 13.03 -23.94 -34.66
C VAL B 159 13.55 -24.42 -33.34
N ILE B 160 12.64 -24.88 -32.50
CA ILE B 160 13.02 -25.38 -31.18
C ILE B 160 12.37 -26.73 -30.83
N ILE B 161 13.17 -27.58 -30.20
CA ILE B 161 12.78 -28.91 -29.77
C ILE B 161 12.58 -28.89 -28.27
N LYS B 162 11.32 -28.99 -27.86
CA LYS B 162 11.02 -28.98 -26.45
C LYS B 162 10.32 -30.25 -26.00
N ALA B 163 10.64 -30.68 -24.78
CA ALA B 163 10.04 -31.86 -24.18
C ALA B 163 8.77 -31.45 -23.47
N SER B 164 7.78 -32.37 -23.41
CA SER B 164 6.52 -32.08 -22.77
C SER B 164 6.58 -32.21 -21.27
N GLY B 165 7.79 -32.47 -20.76
CA GLY B 165 8.10 -32.63 -19.36
C GLY B 165 8.39 -31.38 -18.55
N GLY B 166 8.39 -30.20 -19.18
CA GLY B 166 8.63 -28.92 -18.50
C GLY B 166 10.10 -28.77 -18.11
N GLY B 167 10.39 -29.04 -16.82
CA GLY B 167 11.73 -29.01 -16.26
C GLY B 167 12.18 -27.67 -15.75
N GLY B 168 12.03 -26.68 -16.59
CA GLY B 168 12.47 -25.35 -16.20
C GLY B 168 13.84 -25.04 -16.79
N GLY B 169 13.87 -24.85 -18.13
CA GLY B 169 15.11 -24.55 -18.85
C GLY B 169 15.80 -25.85 -19.34
N ARG B 170 15.53 -26.91 -18.60
CA ARG B 170 16.10 -28.20 -18.95
C ARG B 170 15.23 -28.85 -20.03
N GLY B 171 15.88 -29.54 -21.01
CA GLY B 171 15.19 -30.21 -22.11
C GLY B 171 14.78 -29.35 -23.29
N MET B 172 15.69 -28.49 -23.74
CA MET B 172 15.48 -27.58 -24.85
C MET B 172 16.73 -27.47 -25.70
N ARG B 173 16.52 -27.31 -27.02
CA ARG B 173 17.56 -27.18 -28.01
C ARG B 173 17.06 -26.45 -29.26
N VAL B 174 17.89 -25.54 -29.80
CA VAL B 174 17.52 -24.76 -31.00
C VAL B 174 18.06 -25.36 -32.34
N VAL B 175 17.26 -25.15 -33.38
CA VAL B 175 17.58 -25.60 -34.71
C VAL B 175 17.31 -24.50 -35.72
N ARG B 176 18.24 -24.33 -36.67
CA ARG B 176 18.15 -23.31 -37.70
C ARG B 176 18.34 -23.83 -39.13
N GLY B 177 18.85 -25.08 -39.26
CA GLY B 177 19.09 -25.71 -40.56
C GLY B 177 18.72 -27.18 -40.54
N ASP B 178 18.59 -27.78 -41.75
CA ASP B 178 18.23 -29.19 -41.95
C ASP B 178 19.30 -30.15 -41.40
N ALA B 179 20.53 -29.63 -41.20
CA ALA B 179 21.65 -30.42 -40.71
C ALA B 179 21.83 -30.47 -39.19
N GLU B 180 20.80 -30.00 -38.48
CA GLU B 180 20.89 -30.02 -37.04
C GLU B 180 19.96 -31.04 -36.42
N LEU B 181 18.76 -31.10 -37.01
CA LEU B 181 17.70 -32.03 -36.64
C LEU B 181 18.22 -33.38 -36.21
N ALA B 182 19.25 -33.81 -36.92
CA ALA B 182 19.91 -35.07 -36.66
C ALA B 182 20.10 -35.25 -35.16
N GLN B 183 21.13 -34.60 -34.66
CA GLN B 183 21.52 -34.62 -33.26
C GLN B 183 20.40 -34.11 -32.38
N SER B 184 19.97 -32.90 -32.75
CA SER B 184 18.91 -32.12 -32.14
C SER B 184 17.98 -32.94 -31.25
N ILE B 185 16.92 -33.44 -31.90
CA ILE B 185 15.88 -34.24 -31.29
C ILE B 185 16.49 -35.30 -30.40
N SER B 186 17.52 -35.88 -30.96
CA SER B 186 18.19 -36.94 -30.27
C SER B 186 18.75 -36.51 -28.94
N MET B 187 19.60 -35.50 -28.99
CA MET B 187 20.21 -35.06 -27.77
C MET B 187 19.14 -34.74 -26.79
N THR B 188 18.17 -34.00 -27.31
CA THR B 188 17.04 -33.59 -26.53
C THR B 188 16.34 -34.76 -25.89
N ARG B 189 15.72 -35.60 -26.75
CA ARG B 189 14.99 -36.79 -26.35
C ARG B 189 15.72 -37.53 -25.24
N ALA B 190 17.05 -37.56 -25.43
CA ALA B 190 17.99 -38.20 -24.51
C ALA B 190 18.16 -37.40 -23.24
N GLU B 191 17.96 -36.07 -23.38
CA GLU B 191 18.08 -35.12 -22.28
C GLU B 191 16.85 -35.16 -21.41
N ALA B 192 15.69 -35.37 -22.04
CA ALA B 192 14.38 -35.44 -21.39
C ALA B 192 14.09 -36.75 -20.68
N LYS B 193 14.61 -37.86 -21.18
CA LYS B 193 14.37 -39.15 -20.53
C LYS B 193 15.05 -39.21 -19.17
N ALA B 194 16.22 -38.57 -19.07
CA ALA B 194 17.05 -38.50 -17.88
C ALA B 194 16.47 -37.69 -16.71
N ALA B 195 16.14 -36.44 -17.02
CA ALA B 195 15.58 -35.49 -16.05
C ALA B 195 14.12 -35.76 -15.69
N PHE B 196 13.27 -35.63 -16.71
CA PHE B 196 11.81 -35.82 -16.65
C PHE B 196 11.35 -37.29 -16.65
N SER B 197 12.00 -38.09 -17.50
CA SER B 197 11.68 -39.51 -17.70
C SER B 197 10.49 -39.62 -18.65
N ASN B 198 10.54 -38.78 -19.68
CA ASN B 198 9.55 -38.64 -20.73
C ASN B 198 10.27 -38.07 -21.95
N ASP B 199 10.89 -39.02 -22.67
CA ASP B 199 11.64 -38.76 -23.88
C ASP B 199 10.79 -38.05 -24.94
N MET B 200 9.55 -37.72 -24.59
CA MET B 200 8.69 -37.05 -25.51
C MET B 200 9.17 -35.63 -25.70
N VAL B 201 9.12 -35.29 -26.99
CA VAL B 201 9.47 -34.01 -27.57
C VAL B 201 8.50 -33.60 -28.68
N TYR B 202 8.36 -32.29 -28.80
CA TYR B 202 7.51 -31.69 -29.81
C TYR B 202 8.36 -30.58 -30.41
N MET B 203 7.89 -30.01 -31.51
CA MET B 203 8.63 -28.94 -32.12
C MET B 203 7.77 -27.73 -32.31
N GLU B 204 8.44 -26.59 -32.27
CA GLU B 204 7.77 -25.32 -32.47
C GLU B 204 8.77 -24.28 -32.88
N LYS B 205 8.30 -23.32 -33.64
CA LYS B 205 9.13 -22.26 -34.12
C LYS B 205 9.72 -21.49 -32.96
N TYR B 206 11.02 -21.22 -33.10
CA TYR B 206 11.76 -20.48 -32.11
C TYR B 206 11.71 -18.98 -32.38
N LEU B 207 11.13 -18.25 -31.43
CA LEU B 207 11.02 -16.81 -31.53
C LEU B 207 12.30 -16.15 -31.08
N GLU B 208 12.73 -15.22 -31.93
CA GLU B 208 13.95 -14.48 -31.72
C GLU B 208 13.92 -13.52 -30.55
N ASN B 209 13.15 -12.44 -30.74
CA ASN B 209 13.10 -11.42 -29.72
C ASN B 209 11.74 -11.01 -29.15
N PRO B 210 11.14 -11.98 -28.47
CA PRO B 210 9.84 -11.83 -27.87
C PRO B 210 9.93 -11.24 -26.47
N ARG B 211 8.77 -10.88 -25.96
CA ARG B 211 8.62 -10.35 -24.62
C ARG B 211 7.88 -11.39 -23.77
N HIS B 212 7.90 -11.25 -22.46
CA HIS B 212 7.16 -12.24 -21.67
C HIS B 212 5.86 -11.73 -21.06
N VAL B 213 4.74 -11.90 -21.78
CA VAL B 213 3.43 -11.47 -21.30
C VAL B 213 2.49 -12.60 -20.91
N GLU B 214 2.02 -12.59 -19.67
CA GLU B 214 1.14 -13.61 -19.15
C GLU B 214 -0.18 -13.04 -18.59
N ILE B 215 -1.23 -13.87 -18.72
CA ILE B 215 -2.59 -13.48 -18.32
C ILE B 215 -3.05 -14.14 -17.07
N GLN B 216 -3.51 -13.26 -16.16
CA GLN B 216 -4.01 -13.74 -14.89
C GLN B 216 -5.46 -14.11 -14.98
N VAL B 217 -5.75 -15.37 -14.63
CA VAL B 217 -7.10 -15.86 -14.66
C VAL B 217 -7.62 -16.27 -13.26
N LEU B 218 -8.92 -16.45 -13.17
CA LEU B 218 -9.59 -16.83 -11.96
C LEU B 218 -10.90 -17.40 -12.41
N ALA B 219 -11.12 -18.68 -12.03
CA ALA B 219 -12.28 -19.52 -12.35
C ALA B 219 -12.78 -20.33 -11.15
N ASP B 220 -14.11 -20.44 -11.05
CA ASP B 220 -14.73 -21.19 -9.97
C ASP B 220 -15.02 -22.64 -10.31
N GLY B 221 -14.91 -23.03 -11.58
CA GLY B 221 -15.22 -24.41 -11.89
C GLY B 221 -16.74 -24.61 -11.83
N GLN B 222 -17.42 -23.47 -11.92
CA GLN B 222 -18.88 -23.38 -11.91
C GLN B 222 -19.37 -22.90 -13.28
N GLY B 223 -18.36 -22.66 -14.13
CA GLY B 223 -18.55 -22.19 -15.49
C GLY B 223 -18.10 -20.75 -15.59
N ASN B 224 -17.71 -20.26 -14.42
CA ASN B 224 -17.25 -18.91 -14.24
C ASN B 224 -15.77 -18.72 -14.50
N ALA B 225 -15.48 -17.62 -15.18
CA ALA B 225 -14.10 -17.33 -15.50
C ALA B 225 -13.78 -15.91 -15.98
N ILE B 226 -12.90 -15.27 -15.24
CA ILE B 226 -12.50 -13.95 -15.60
C ILE B 226 -11.00 -13.87 -15.67
N TYR B 227 -10.59 -12.79 -16.32
CA TYR B 227 -9.21 -12.42 -16.49
C TYR B 227 -9.00 -11.06 -15.85
N LEU B 228 -7.75 -10.87 -15.41
CA LEU B 228 -7.28 -9.66 -14.76
C LEU B 228 -6.00 -9.10 -15.37
N ALA B 229 -6.17 -8.47 -16.53
CA ALA B 229 -5.09 -7.88 -17.28
C ALA B 229 -3.91 -8.83 -17.39
N GLU B 230 -2.74 -8.29 -17.77
CA GLU B 230 -1.52 -9.06 -17.97
C GLU B 230 -0.35 -8.53 -17.17
N ARG B 231 0.78 -9.20 -17.30
CA ARG B 231 1.98 -8.76 -16.63
C ARG B 231 3.16 -9.02 -17.54
N ASP B 232 4.14 -8.11 -17.52
CA ASP B 232 5.36 -8.26 -18.30
C ASP B 232 6.47 -8.80 -17.39
N CYS B 233 6.98 -9.99 -17.71
CA CYS B 233 8.01 -10.59 -16.91
C CYS B 233 9.28 -10.79 -17.67
N SER B 234 9.58 -9.85 -18.58
CA SER B 234 10.77 -9.93 -19.43
C SER B 234 12.09 -9.70 -18.73
N MET B 235 12.05 -9.18 -17.51
CA MET B 235 13.32 -8.97 -16.85
C MET B 235 13.76 -10.29 -16.25
N GLN B 236 14.59 -10.96 -16.97
CA GLN B 236 15.05 -12.25 -16.51
C GLN B 236 16.54 -12.32 -16.66
N ARG B 237 17.07 -13.20 -15.87
CA ARG B 237 18.47 -13.51 -15.92
C ARG B 237 18.56 -15.01 -15.76
N ARG B 238 18.95 -15.69 -16.85
CA ARG B 238 19.08 -17.14 -16.88
C ARG B 238 17.75 -17.84 -16.60
N HIS B 239 16.71 -17.35 -17.27
CA HIS B 239 15.41 -17.97 -17.09
C HIS B 239 14.68 -17.63 -15.77
N GLN B 240 15.37 -16.99 -14.82
CA GLN B 240 14.71 -16.53 -13.60
C GLN B 240 14.28 -15.08 -13.75
N LYS B 241 13.04 -14.80 -13.31
CA LYS B 241 12.38 -13.52 -13.36
C LYS B 241 13.03 -12.69 -12.32
N VAL B 242 13.17 -11.39 -12.57
CA VAL B 242 13.86 -10.47 -11.66
C VAL B 242 12.97 -9.29 -11.32
N VAL B 243 12.20 -8.90 -12.34
CA VAL B 243 11.31 -7.77 -12.30
C VAL B 243 10.12 -7.95 -13.22
N GLU B 244 8.98 -8.13 -12.55
CA GLU B 244 7.65 -8.25 -13.17
C GLU B 244 6.94 -6.88 -13.06
N GLU B 245 6.01 -6.62 -13.98
CA GLU B 245 5.19 -5.39 -13.92
C GLU B 245 3.79 -5.58 -14.49
N ALA B 246 2.91 -4.69 -14.15
CA ALA B 246 1.59 -4.84 -14.66
C ALA B 246 0.96 -3.48 -14.62
N PRO B 247 0.23 -3.09 -15.66
CA PRO B 247 0.02 -3.85 -16.87
C PRO B 247 1.31 -3.91 -17.63
N ALA B 248 1.20 -4.39 -18.84
CA ALA B 248 2.36 -4.47 -19.67
C ALA B 248 2.37 -3.21 -20.54
N PRO B 249 3.54 -2.63 -20.75
CA PRO B 249 3.63 -1.47 -21.62
C PRO B 249 3.41 -1.86 -23.07
N GLY B 250 2.72 -0.97 -23.78
CA GLY B 250 2.42 -1.17 -25.19
C GLY B 250 1.17 -2.00 -25.42
N ILE B 251 0.62 -2.55 -24.36
CA ILE B 251 -0.56 -3.36 -24.50
C ILE B 251 -1.87 -2.62 -24.42
N THR B 252 -2.49 -2.54 -25.59
CA THR B 252 -3.78 -1.91 -25.79
C THR B 252 -4.96 -2.66 -25.12
N PRO B 253 -5.97 -1.90 -24.72
CA PRO B 253 -7.18 -2.42 -24.11
C PRO B 253 -7.93 -3.42 -24.96
N GLU B 254 -7.78 -3.27 -26.28
CA GLU B 254 -8.43 -4.12 -27.25
C GLU B 254 -7.72 -5.44 -27.38
N LEU B 255 -6.42 -5.29 -27.42
CA LEU B 255 -5.51 -6.42 -27.47
C LEU B 255 -5.67 -7.18 -26.17
N ARG B 256 -5.73 -6.41 -25.10
CA ARG B 256 -5.89 -6.97 -23.78
C ARG B 256 -7.14 -7.81 -23.77
N ARG B 257 -8.15 -7.24 -24.38
CA ARG B 257 -9.45 -7.86 -24.44
C ARG B 257 -9.47 -9.11 -25.28
N TYR B 258 -8.72 -9.04 -26.36
CA TYR B 258 -8.65 -10.18 -27.25
C TYR B 258 -8.21 -11.37 -26.44
N ILE B 259 -6.94 -11.37 -26.09
CA ILE B 259 -6.27 -12.42 -25.32
C ILE B 259 -6.89 -12.83 -23.97
N GLY B 260 -7.57 -11.94 -23.28
CA GLY B 260 -8.13 -12.29 -21.98
C GLY B 260 -9.39 -13.11 -22.10
N GLU B 261 -10.13 -12.75 -23.12
CA GLU B 261 -11.37 -13.39 -23.42
C GLU B 261 -11.17 -14.83 -23.88
N ARG B 262 -10.05 -15.03 -24.58
CA ARG B 262 -9.68 -16.31 -25.12
C ARG B 262 -9.16 -17.20 -24.05
N CYS B 263 -8.67 -16.47 -23.06
CA CYS B 263 -8.11 -17.11 -21.93
C CYS B 263 -9.22 -17.65 -21.09
N ALA B 264 -10.11 -16.73 -20.76
CA ALA B 264 -11.22 -17.08 -19.94
C ALA B 264 -12.01 -18.29 -20.46
N LYS B 265 -12.30 -18.27 -21.75
CA LYS B 265 -13.01 -19.38 -22.37
C LYS B 265 -12.30 -20.71 -22.12
N ALA B 266 -11.02 -20.70 -22.44
CA ALA B 266 -10.17 -21.83 -22.27
C ALA B 266 -10.37 -22.36 -20.87
N CYS B 267 -10.42 -21.43 -19.96
CA CYS B 267 -10.64 -21.79 -18.58
C CYS B 267 -11.93 -22.56 -18.41
N VAL B 268 -12.95 -22.02 -19.00
CA VAL B 268 -14.22 -22.68 -18.91
C VAL B 268 -14.21 -24.03 -19.68
N ASP B 269 -13.54 -24.07 -20.84
CA ASP B 269 -13.48 -25.28 -21.70
C ASP B 269 -12.91 -26.52 -21.02
N ILE B 270 -11.75 -26.23 -20.43
CA ILE B 270 -10.97 -27.23 -19.75
C ILE B 270 -11.44 -27.53 -18.34
N GLY B 271 -12.43 -26.77 -17.84
CA GLY B 271 -12.94 -26.99 -16.49
C GLY B 271 -11.92 -26.62 -15.41
N TYR B 272 -11.34 -25.42 -15.55
CA TYR B 272 -10.36 -24.92 -14.62
C TYR B 272 -11.01 -24.39 -13.38
N ARG B 273 -10.37 -24.74 -12.26
CA ARG B 273 -10.83 -24.34 -10.96
C ARG B 273 -9.71 -23.67 -10.12
N GLY B 274 -9.98 -22.42 -9.72
CA GLY B 274 -9.06 -21.61 -8.92
C GLY B 274 -8.31 -20.60 -9.75
N ALA B 275 -7.21 -20.10 -9.21
CA ALA B 275 -6.37 -19.11 -9.88
C ALA B 275 -5.27 -19.71 -10.78
N GLY B 276 -5.02 -19.11 -11.97
CA GLY B 276 -4.04 -19.64 -12.89
C GLY B 276 -3.47 -18.56 -13.78
N THR B 277 -2.46 -18.93 -14.56
CA THR B 277 -1.80 -17.99 -15.44
C THR B 277 -1.46 -18.54 -16.81
N PHE B 278 -1.74 -17.76 -17.82
CA PHE B 278 -1.39 -18.20 -19.14
C PHE B 278 -0.12 -17.49 -19.53
N GLU B 279 0.98 -18.26 -19.73
CA GLU B 279 2.27 -17.69 -20.14
C GLU B 279 2.28 -17.53 -21.64
N PHE B 280 2.76 -16.40 -22.13
CA PHE B 280 2.83 -16.15 -23.56
C PHE B 280 4.17 -15.51 -23.96
N LEU B 281 4.46 -15.60 -25.24
CA LEU B 281 5.62 -14.97 -25.83
C LEU B 281 4.98 -13.96 -26.76
N PHE B 282 5.46 -12.74 -26.69
CA PHE B 282 4.90 -11.68 -27.48
C PHE B 282 5.93 -11.14 -28.48
N GLU B 283 5.55 -11.15 -29.75
CA GLU B 283 6.41 -10.71 -30.83
C GLU B 283 5.56 -10.24 -32.03
N ASN B 284 5.72 -8.96 -32.41
CA ASN B 284 4.99 -8.38 -33.52
C ASN B 284 3.51 -8.23 -33.30
N GLY B 285 3.15 -7.81 -32.11
CA GLY B 285 1.75 -7.58 -31.74
C GLY B 285 0.93 -8.85 -31.64
N GLU B 286 1.64 -9.99 -31.68
CA GLU B 286 1.08 -11.34 -31.63
C GLU B 286 1.45 -12.12 -30.38
N PHE B 287 0.46 -12.85 -29.87
CA PHE B 287 0.64 -13.70 -28.70
C PHE B 287 0.76 -15.13 -29.13
N TYR B 288 1.66 -15.81 -28.42
CA TYR B 288 1.93 -17.22 -28.67
C TYR B 288 2.02 -18.06 -27.42
N PHE B 289 0.96 -18.80 -27.13
CA PHE B 289 0.96 -19.65 -25.96
C PHE B 289 2.20 -20.57 -25.80
N ILE B 290 2.75 -20.56 -24.58
CA ILE B 290 3.91 -21.33 -24.18
C ILE B 290 3.49 -22.41 -23.21
N LYS B 291 3.02 -21.95 -22.06
CA LYS B 291 2.59 -22.80 -20.99
C LYS B 291 1.65 -22.15 -20.01
N MET B 292 1.01 -22.98 -19.21
CA MET B 292 0.10 -22.43 -18.24
C MET B 292 0.36 -22.88 -16.82
N ASN B 293 0.50 -21.92 -15.89
CA ASN B 293 0.71 -22.24 -14.49
C ASN B 293 -0.58 -22.44 -13.73
N THR B 294 -0.72 -23.68 -13.32
CA THR B 294 -1.90 -24.10 -12.59
C THR B 294 -1.70 -23.80 -11.12
N ARG B 295 -1.49 -22.52 -10.86
CA ARG B 295 -1.25 -22.06 -9.53
C ARG B 295 -1.13 -20.55 -9.55
N ILE B 296 -0.95 -20.04 -8.35
CA ILE B 296 -0.79 -18.66 -8.00
C ILE B 296 0.69 -18.35 -8.12
N GLN B 297 0.98 -17.25 -8.77
CA GLN B 297 2.36 -16.93 -8.99
C GLN B 297 3.03 -16.04 -7.98
N VAL B 298 4.37 -16.09 -8.02
CA VAL B 298 5.15 -15.24 -7.15
C VAL B 298 4.73 -13.78 -7.28
N GLU B 299 4.77 -13.32 -8.54
CA GLU B 299 4.47 -11.96 -8.94
C GLU B 299 3.02 -11.61 -8.95
N HIS B 300 2.20 -12.39 -8.27
CA HIS B 300 0.76 -12.13 -8.22
C HIS B 300 0.35 -10.74 -7.69
N PRO B 301 1.15 -10.16 -6.78
CA PRO B 301 0.88 -8.84 -6.20
C PRO B 301 0.65 -7.63 -7.15
N VAL B 302 1.45 -7.54 -8.23
CA VAL B 302 1.35 -6.46 -9.17
C VAL B 302 -0.05 -6.42 -9.69
N THR B 303 -0.57 -7.60 -9.91
CA THR B 303 -1.94 -7.69 -10.39
C THR B 303 -2.89 -7.25 -9.28
N GLU B 304 -2.54 -7.50 -8.06
CA GLU B 304 -3.44 -7.09 -7.05
C GLU B 304 -3.54 -5.61 -7.01
N MET B 305 -2.42 -4.94 -7.27
CA MET B 305 -2.39 -3.47 -7.25
C MET B 305 -3.22 -2.75 -8.31
N ILE B 306 -3.03 -3.13 -9.56
CA ILE B 306 -3.76 -2.49 -10.64
C ILE B 306 -5.24 -2.78 -10.65
N THR B 307 -5.63 -3.96 -10.19
CA THR B 307 -7.05 -4.26 -10.16
C THR B 307 -7.67 -4.06 -8.79
N GLY B 308 -6.86 -4.17 -7.74
CA GLY B 308 -7.42 -4.03 -6.41
C GLY B 308 -8.02 -5.35 -5.94
N VAL B 309 -7.79 -6.45 -6.68
CA VAL B 309 -8.35 -7.72 -6.27
C VAL B 309 -7.36 -8.54 -5.44
N ASP B 310 -7.87 -9.26 -4.46
CA ASP B 310 -7.07 -10.07 -3.59
C ASP B 310 -7.15 -11.50 -4.10
N LEU B 311 -6.10 -11.92 -4.77
CA LEU B 311 -6.08 -13.25 -5.35
C LEU B 311 -6.15 -14.37 -4.34
N ILE B 312 -5.53 -14.15 -3.19
CA ILE B 312 -5.50 -15.15 -2.15
C ILE B 312 -6.86 -15.43 -1.58
N LYS B 313 -7.52 -14.38 -1.20
CA LYS B 313 -8.83 -14.56 -0.64
C LYS B 313 -9.77 -15.15 -1.64
N GLU B 314 -9.50 -14.83 -2.88
CA GLU B 314 -10.32 -15.30 -3.96
C GLU B 314 -10.15 -16.80 -4.09
N GLN B 315 -8.95 -17.23 -3.85
CA GLN B 315 -8.66 -18.61 -3.95
C GLN B 315 -9.44 -19.46 -2.99
N LEU B 316 -9.49 -18.97 -1.76
CA LEU B 316 -10.11 -19.58 -0.60
C LEU B 316 -11.59 -19.66 -0.71
N ARG B 317 -12.16 -18.62 -1.27
CA ARG B 317 -13.60 -18.61 -1.44
C ARG B 317 -13.99 -19.69 -2.44
N ILE B 318 -13.23 -19.73 -3.53
CA ILE B 318 -13.54 -20.65 -4.59
C ILE B 318 -13.40 -22.04 -4.05
N ALA B 319 -12.42 -22.19 -3.17
CA ALA B 319 -12.19 -23.49 -2.60
C ALA B 319 -13.31 -23.96 -1.72
N ALA B 320 -13.91 -22.98 -1.07
CA ALA B 320 -15.02 -23.16 -0.18
C ALA B 320 -16.36 -23.26 -0.92
N GLY B 321 -16.30 -23.52 -2.21
CA GLY B 321 -17.46 -23.65 -3.07
C GLY B 321 -18.20 -22.34 -3.39
N GLN B 322 -17.51 -21.22 -3.27
CA GLN B 322 -18.14 -19.95 -3.57
C GLN B 322 -17.98 -19.48 -5.03
N PRO B 323 -19.10 -19.13 -5.67
CA PRO B 323 -19.06 -18.64 -7.02
C PRO B 323 -18.31 -17.35 -7.05
N LEU B 324 -17.63 -17.13 -8.18
CA LEU B 324 -16.86 -15.90 -8.35
C LEU B 324 -17.76 -14.75 -8.01
N SER B 325 -17.27 -13.96 -7.08
CA SER B 325 -17.97 -12.79 -6.64
C SER B 325 -18.00 -11.74 -7.75
N ILE B 326 -16.83 -11.63 -8.41
CA ILE B 326 -16.63 -10.64 -9.45
C ILE B 326 -17.00 -11.06 -10.85
N LYS B 327 -17.38 -10.04 -11.62
CA LYS B 327 -17.72 -10.15 -13.03
C LYS B 327 -16.72 -9.37 -13.86
N GLN B 328 -16.46 -9.82 -15.09
CA GLN B 328 -15.52 -9.16 -15.98
C GLN B 328 -15.75 -7.66 -15.98
N GLU B 329 -16.97 -7.26 -16.30
CA GLU B 329 -17.31 -5.86 -16.31
C GLU B 329 -16.95 -5.11 -15.06
N GLU B 330 -16.50 -5.82 -14.04
CA GLU B 330 -16.07 -5.17 -12.82
C GLU B 330 -14.55 -5.03 -12.72
N VAL B 331 -13.82 -5.74 -13.61
CA VAL B 331 -12.37 -5.67 -13.57
C VAL B 331 -11.78 -4.46 -14.27
N HIS B 332 -11.27 -3.54 -13.48
CA HIS B 332 -10.68 -2.35 -14.07
C HIS B 332 -9.20 -2.14 -13.73
N VAL B 333 -8.37 -2.05 -14.77
CA VAL B 333 -6.95 -1.79 -14.56
C VAL B 333 -6.75 -0.32 -14.23
N ARG B 334 -6.10 -0.05 -13.11
CA ARG B 334 -5.84 1.32 -12.72
C ARG B 334 -4.39 1.43 -12.29
N GLY B 335 -3.72 2.46 -12.77
CA GLY B 335 -2.34 2.70 -12.47
C GLY B 335 -1.48 1.57 -12.92
N HIS B 336 -0.27 1.67 -12.47
CA HIS B 336 0.73 0.71 -12.79
C HIS B 336 1.40 0.27 -11.53
N ALA B 337 1.85 -1.00 -11.55
CA ALA B 337 2.61 -1.62 -10.47
C ALA B 337 3.92 -2.22 -10.95
N VAL B 338 4.95 -2.12 -10.09
CA VAL B 338 6.26 -2.71 -10.34
C VAL B 338 6.69 -3.65 -9.22
N GLU B 339 7.39 -4.70 -9.59
CA GLU B 339 7.86 -5.63 -8.58
C GLU B 339 9.29 -6.09 -8.73
N CYS B 340 10.01 -5.89 -7.64
CA CYS B 340 11.40 -6.27 -7.53
C CYS B 340 11.51 -7.44 -6.59
N ARG B 341 12.18 -8.47 -7.08
CA ARG B 341 12.41 -9.68 -6.32
C ARG B 341 13.65 -9.54 -5.46
N ILE B 342 13.53 -9.66 -4.13
CA ILE B 342 14.76 -9.57 -3.34
C ILE B 342 15.35 -10.94 -2.97
N ASN B 343 16.52 -11.24 -3.53
CA ASN B 343 17.20 -12.51 -3.28
C ASN B 343 18.50 -12.39 -2.47
N ALA B 344 18.70 -13.27 -1.49
CA ALA B 344 19.92 -13.28 -0.70
C ALA B 344 20.96 -13.97 -1.55
N GLU B 345 21.60 -13.18 -2.43
CA GLU B 345 22.60 -13.64 -3.37
C GLU B 345 23.69 -12.61 -3.60
N ASP B 346 24.83 -13.08 -4.11
CA ASP B 346 25.95 -12.23 -4.41
C ASP B 346 25.65 -11.64 -5.80
N PRO B 347 25.57 -10.30 -5.86
CA PRO B 347 25.26 -9.64 -7.10
C PRO B 347 26.46 -9.61 -8.05
N ASN B 348 27.50 -10.35 -7.69
CA ASN B 348 28.68 -10.39 -8.53
C ASN B 348 28.66 -11.63 -9.37
N THR B 349 28.45 -12.71 -8.64
CA THR B 349 28.44 -14.05 -9.15
C THR B 349 27.05 -14.63 -9.21
N PHE B 350 26.12 -13.99 -8.49
CA PHE B 350 24.77 -14.48 -8.45
C PHE B 350 24.56 -15.78 -7.66
N LEU B 351 25.47 -16.06 -6.73
CA LEU B 351 25.32 -17.25 -5.92
C LEU B 351 24.66 -16.88 -4.62
N PRO B 352 23.99 -17.87 -4.10
CA PRO B 352 23.30 -17.71 -2.86
C PRO B 352 24.21 -17.21 -1.74
N SER B 353 23.64 -16.26 -1.00
CA SER B 353 24.29 -15.66 0.14
C SER B 353 23.47 -15.74 1.39
N PRO B 354 23.25 -16.95 1.87
CA PRO B 354 22.52 -17.20 3.09
C PRO B 354 23.30 -16.66 4.25
N GLY B 355 22.63 -16.60 5.41
CA GLY B 355 23.21 -16.08 6.63
C GLY B 355 22.20 -15.35 7.51
N LYS B 356 22.68 -14.81 8.61
CA LYS B 356 21.88 -14.11 9.59
C LYS B 356 21.72 -12.63 9.26
N ILE B 357 20.51 -12.13 9.40
CA ILE B 357 20.26 -10.71 9.13
C ILE B 357 20.48 -9.95 10.39
N THR B 358 21.54 -9.18 10.34
CA THR B 358 21.93 -8.41 11.49
C THR B 358 21.04 -7.21 11.78
N ARG B 359 20.69 -6.50 10.73
CA ARG B 359 19.87 -5.32 10.82
C ARG B 359 18.98 -5.36 9.64
N PHE B 360 17.74 -5.02 9.92
CA PHE B 360 16.73 -5.02 8.89
C PHE B 360 15.80 -3.79 8.94
N HIS B 361 15.75 -3.11 7.79
CA HIS B 361 14.89 -1.95 7.60
C HIS B 361 14.11 -1.97 6.29
N ALA B 362 12.81 -2.04 6.48
CA ALA B 362 11.83 -2.02 5.45
C ALA B 362 11.36 -0.60 5.12
N PRO B 363 11.09 -0.46 3.84
CA PRO B 363 10.60 0.75 3.24
C PRO B 363 9.13 0.93 3.55
N GLY B 364 8.76 2.21 3.56
CA GLY B 364 7.41 2.66 3.83
C GLY B 364 6.90 3.66 2.81
N GLY B 365 5.67 4.13 3.00
CA GLY B 365 5.17 5.08 2.04
C GLY B 365 3.89 4.69 1.35
N PHE B 366 3.49 5.65 0.53
CA PHE B 366 2.32 5.61 -0.32
C PHE B 366 2.68 4.86 -1.59
N GLY B 367 1.98 3.75 -1.79
CA GLY B 367 2.23 2.94 -2.98
C GLY B 367 3.29 1.87 -2.81
N VAL B 368 3.69 1.67 -1.56
CA VAL B 368 4.75 0.72 -1.24
C VAL B 368 4.29 -0.45 -0.41
N ARG B 369 4.42 -1.62 -1.02
CA ARG B 369 4.10 -2.90 -0.45
C ARG B 369 5.35 -3.79 -0.32
N TRP B 370 5.47 -4.33 0.86
CA TRP B 370 6.61 -5.17 1.18
C TRP B 370 6.14 -6.58 1.56
N GLU B 371 6.58 -7.57 0.79
CA GLU B 371 6.20 -8.93 1.01
C GLU B 371 7.40 -9.75 1.34
N SER B 372 7.62 -9.90 2.66
CA SER B 372 8.75 -10.58 3.24
C SER B 372 8.46 -11.07 4.63
N HIS B 373 9.16 -12.10 5.06
CA HIS B 373 8.98 -12.67 6.39
C HIS B 373 10.25 -12.56 7.19
N ILE B 374 11.23 -11.91 6.60
CA ILE B 374 12.50 -11.78 7.25
C ILE B 374 12.42 -10.69 8.27
N TYR B 375 13.29 -10.77 9.27
CA TYR B 375 13.31 -9.72 10.26
C TYR B 375 14.67 -9.68 10.92
N ALA B 376 14.99 -8.61 11.67
CA ALA B 376 16.33 -8.61 12.31
C ALA B 376 16.65 -9.81 13.20
N GLY B 377 17.68 -10.51 12.72
CA GLY B 377 18.21 -11.66 13.42
C GLY B 377 17.69 -12.96 12.90
N TYR B 378 16.92 -12.81 11.86
CA TYR B 378 16.41 -13.99 11.24
C TYR B 378 17.55 -14.61 10.46
N THR B 379 17.52 -15.89 10.30
CA THR B 379 18.62 -16.46 9.58
C THR B 379 18.13 -17.21 8.37
N VAL B 380 18.65 -16.76 7.24
CA VAL B 380 18.37 -17.31 5.92
C VAL B 380 19.15 -18.58 5.77
N PRO B 381 18.39 -19.67 5.77
CA PRO B 381 18.98 -20.99 5.61
C PRO B 381 19.24 -21.26 4.12
N PRO B 382 20.24 -22.13 3.95
CA PRO B 382 20.83 -22.62 2.70
C PRO B 382 20.08 -23.68 1.91
N TYR B 383 19.13 -24.36 2.55
CA TYR B 383 18.35 -25.46 2.01
C TYR B 383 17.38 -25.16 0.86
N TYR B 384 16.85 -23.95 0.85
CA TYR B 384 15.84 -23.61 -0.12
C TYR B 384 16.27 -22.53 -1.08
N ASP B 385 15.30 -21.89 -1.73
CA ASP B 385 15.59 -20.80 -2.64
C ASP B 385 16.26 -19.63 -1.99
N SER B 386 16.77 -18.76 -2.87
CA SER B 386 17.48 -17.57 -2.47
C SER B 386 16.58 -16.33 -2.33
N MET B 387 15.35 -16.35 -2.82
CA MET B 387 14.51 -15.16 -2.66
C MET B 387 14.05 -14.97 -1.22
N ILE B 388 14.10 -13.72 -0.72
CA ILE B 388 13.73 -13.40 0.66
C ILE B 388 12.69 -12.33 0.83
N GLY B 389 12.21 -11.76 -0.27
CA GLY B 389 11.22 -10.73 -0.11
C GLY B 389 10.84 -10.21 -1.47
N LYS B 390 9.74 -9.51 -1.45
CA LYS B 390 9.28 -8.90 -2.66
C LYS B 390 8.95 -7.49 -2.32
N LEU B 391 9.33 -6.66 -3.24
CA LEU B 391 9.08 -5.25 -3.14
C LEU B 391 8.19 -4.78 -4.28
N ILE B 392 7.09 -4.17 -3.92
CA ILE B 392 6.19 -3.74 -4.97
C ILE B 392 5.79 -2.30 -4.79
N CYS B 393 5.92 -1.54 -5.86
CA CYS B 393 5.51 -0.15 -5.85
C CYS B 393 4.48 0.07 -6.91
N TYR B 394 3.52 0.87 -6.49
CA TYR B 394 2.38 1.21 -7.32
C TYR B 394 2.31 2.71 -7.52
N GLY B 395 1.95 3.08 -8.74
CA GLY B 395 1.80 4.47 -9.07
C GLY B 395 0.55 4.71 -9.89
N GLU B 396 0.23 6.00 -10.06
CA GLU B 396 -0.91 6.36 -10.85
C GLU B 396 -0.54 6.11 -12.31
N ASN B 397 0.78 5.97 -12.51
CA ASN B 397 1.37 5.69 -13.80
C ASN B 397 2.69 4.92 -13.67
N ARG B 398 3.25 4.53 -14.82
CA ARG B 398 4.51 3.82 -14.82
C ARG B 398 5.66 4.62 -14.18
N ASP B 399 5.75 5.87 -14.58
CA ASP B 399 6.79 6.77 -14.11
C ASP B 399 6.83 6.83 -12.58
N VAL B 400 5.66 7.00 -11.98
CA VAL B 400 5.56 7.06 -10.53
C VAL B 400 5.97 5.75 -9.85
N ALA B 401 5.46 4.60 -10.34
CA ALA B 401 5.80 3.30 -9.80
C ALA B 401 7.32 3.17 -9.76
N ILE B 402 7.98 3.44 -10.89
CA ILE B 402 9.43 3.40 -10.93
C ILE B 402 10.11 4.32 -9.92
N ALA B 403 9.62 5.55 -9.83
CA ALA B 403 10.10 6.57 -8.90
C ALA B 403 10.09 6.05 -7.49
N ARG B 404 8.92 5.57 -7.12
CA ARG B 404 8.70 5.05 -5.80
C ARG B 404 9.69 3.92 -5.46
N MET B 405 9.71 2.96 -6.34
CA MET B 405 10.55 1.79 -6.25
C MET B 405 12.00 2.19 -6.02
N LYS B 406 12.52 3.16 -6.77
CA LYS B 406 13.88 3.62 -6.55
C LYS B 406 14.12 4.04 -5.09
N ASN B 407 13.22 4.89 -4.54
CA ASN B 407 13.27 5.41 -3.17
C ASN B 407 13.23 4.28 -2.17
N ALA B 408 12.23 3.43 -2.38
CA ALA B 408 11.99 2.31 -1.54
C ALA B 408 13.25 1.45 -1.42
N LEU B 409 13.91 1.28 -2.54
CA LEU B 409 15.11 0.46 -2.58
C LEU B 409 16.20 1.08 -1.73
N GLN B 410 16.16 2.40 -1.62
CA GLN B 410 17.15 3.13 -0.86
C GLN B 410 16.97 3.06 0.66
N GLU B 411 15.71 3.00 1.08
CA GLU B 411 15.32 2.94 2.47
C GLU B 411 15.45 1.56 3.08
N LEU B 412 15.48 0.58 2.19
CA LEU B 412 15.57 -0.81 2.57
C LEU B 412 16.93 -1.21 3.10
N ILE B 413 16.90 -1.80 4.27
CA ILE B 413 18.13 -2.22 4.91
C ILE B 413 18.06 -3.67 5.22
N ILE B 414 19.13 -4.31 4.76
CA ILE B 414 19.37 -5.72 4.96
C ILE B 414 20.86 -5.99 5.09
N ASP B 415 21.30 -6.07 6.33
CA ASP B 415 22.70 -6.30 6.65
C ASP B 415 23.05 -7.72 7.13
N GLY B 416 24.27 -8.15 6.83
CA GLY B 416 24.73 -9.44 7.28
C GLY B 416 24.74 -10.57 6.24
N ILE B 417 24.08 -10.31 5.11
CA ILE B 417 24.03 -11.19 3.96
C ILE B 417 24.12 -10.33 2.70
N LYS B 418 24.27 -10.98 1.54
CA LYS B 418 24.37 -10.24 0.30
C LYS B 418 23.01 -10.19 -0.35
N THR B 419 22.76 -9.17 -1.16
CA THR B 419 21.50 -9.05 -1.81
C THR B 419 21.67 -8.62 -3.24
N ASN B 420 20.55 -8.66 -3.94
CA ASN B 420 20.50 -8.28 -5.33
C ASN B 420 19.99 -6.84 -5.41
N VAL B 421 19.86 -6.17 -4.27
CA VAL B 421 19.36 -4.80 -4.26
C VAL B 421 20.02 -3.87 -5.24
N ASP B 422 21.33 -3.81 -5.14
CA ASP B 422 22.13 -2.93 -5.99
C ASP B 422 21.80 -3.13 -7.44
N LEU B 423 21.57 -4.39 -7.76
CA LEU B 423 21.20 -4.67 -9.13
C LEU B 423 19.80 -4.13 -9.45
N GLN B 424 18.90 -4.16 -8.46
CA GLN B 424 17.54 -3.71 -8.72
C GLN B 424 17.51 -2.23 -8.98
N ILE B 425 18.36 -1.58 -8.26
CA ILE B 425 18.54 -0.17 -8.39
C ILE B 425 19.12 0.16 -9.75
N ARG B 426 20.13 -0.63 -10.14
CA ARG B 426 20.74 -0.40 -11.45
C ARG B 426 19.71 -0.47 -12.57
N ILE B 427 18.70 -1.30 -12.36
CA ILE B 427 17.68 -1.47 -13.37
C ILE B 427 16.61 -0.41 -13.40
N MET B 428 16.23 0.04 -12.22
CA MET B 428 15.22 1.06 -12.12
C MET B 428 15.76 2.27 -12.82
N ASN B 429 17.08 2.24 -12.92
CA ASN B 429 17.83 3.29 -13.54
C ASN B 429 17.94 3.11 -15.04
N ASP B 430 17.94 1.87 -15.50
CA ASP B 430 18.09 1.62 -16.91
C ASP B 430 17.19 2.46 -17.80
N GLU B 431 17.82 3.31 -18.59
CA GLU B 431 17.05 4.19 -19.45
C GLU B 431 16.22 3.41 -20.42
N ASN B 432 16.67 2.22 -20.71
CA ASN B 432 15.89 1.43 -21.62
C ASN B 432 14.69 0.97 -20.86
N PHE B 433 14.97 0.53 -19.65
CA PHE B 433 13.90 0.08 -18.79
C PHE B 433 12.90 1.18 -18.58
N GLN B 434 13.43 2.33 -18.18
CA GLN B 434 12.62 3.49 -17.95
C GLN B 434 11.75 3.71 -19.20
N HIS B 435 12.29 3.46 -20.39
CA HIS B 435 11.48 3.63 -21.59
C HIS B 435 10.38 2.58 -21.59
N GLY B 436 10.77 1.32 -21.42
CA GLY B 436 9.83 0.21 -21.41
C GLY B 436 9.71 -0.59 -22.71
N GLY B 437 9.39 -1.88 -22.59
CA GLY B 437 9.27 -2.69 -23.79
C GLY B 437 10.51 -3.54 -24.04
N THR B 438 11.16 -3.84 -22.93
CA THR B 438 12.34 -4.63 -22.98
C THR B 438 11.96 -6.10 -23.24
N ASN B 439 12.88 -6.75 -23.89
CA ASN B 439 12.69 -8.13 -24.20
C ASN B 439 13.35 -9.06 -23.17
N ILE B 440 13.15 -10.35 -23.35
CA ILE B 440 13.72 -11.27 -22.38
C ILE B 440 15.23 -11.44 -22.44
N HIS B 441 15.80 -10.98 -23.54
CA HIS B 441 17.23 -11.09 -23.74
C HIS B 441 18.07 -9.95 -23.18
N TYR B 442 17.38 -8.83 -22.89
CA TYR B 442 17.94 -7.60 -22.37
C TYR B 442 18.79 -7.67 -21.14
N LEU B 443 18.26 -8.25 -20.08
CA LEU B 443 19.02 -8.28 -18.87
C LEU B 443 20.37 -8.95 -19.04
N GLU B 444 20.36 -10.11 -19.69
CA GLU B 444 21.61 -10.83 -19.92
C GLU B 444 22.58 -10.00 -20.75
N LYS B 445 22.06 -9.37 -21.81
CA LYS B 445 22.93 -8.53 -22.62
C LYS B 445 23.63 -7.48 -21.81
N LYS B 446 22.79 -6.64 -21.22
CA LYS B 446 23.25 -5.56 -20.39
C LYS B 446 24.27 -6.08 -19.39
N LEU B 447 23.88 -7.17 -18.73
CA LEU B 447 24.67 -7.85 -17.72
C LEU B 447 26.02 -8.34 -18.30
N GLY B 448 26.32 -8.02 -19.56
CA GLY B 448 27.57 -8.48 -20.16
C GLY B 448 27.62 -10.02 -20.10
N LEU B 449 26.41 -10.58 -20.10
CA LEU B 449 26.20 -12.02 -20.02
C LEU B 449 26.51 -12.80 -21.30
N GLN B 450 27.45 -13.73 -21.17
CA GLN B 450 27.91 -14.56 -22.26
C GLN B 450 27.12 -15.88 -22.32
#